data_6I1A
#
_entry.id   6I1A
#
_cell.length_a   53.068
_cell.length_b   97.359
_cell.length_c   139.259
_cell.angle_alpha   90.00
_cell.angle_beta   90.00
_cell.angle_gamma   90.00
#
_symmetry.space_group_name_H-M   'P 21 21 21'
#
loop_
_entity.id
_entity.type
_entity.pdbx_description
1 polymer rutinosidase
2 non-polymer 2-acetamido-2-deoxy-beta-D-glucopyranose
3 non-polymer 1,2-ETHANEDIOL
4 water water
#
_entity_poly.entity_id   1
_entity_poly.type   'polypeptide(L)'
_entity_poly.pdbx_seq_one_letter_code
;EFRAPLASPPNSSYIDWRTFKGNGVNLGGWLEQESTIDSLFWDKYSGGASDEWGLCEHLGSQCGPVLEHRYATLITKADI
DKLASGGITVLRIPTTYAAWIDLPSSQLYSGNQTAYLKEIADYAIKTYNMHIIIDTHSLPGGVNGLTIGEATGHWYWFYN
ETHFNYSMQVIDQVINFIQTSGSPQSYTLEPINEPADNNTNMVVFGTPLALTDHGAAWVLKYIRAVVQRVESVNPNIPVM
FQGSFKYPQYWEGDFPASTNLVFDTHHYYYEHMDSSSENLPEYILADAREKSGTGKFPVFVGEWAIQATYNNTLALRKRN
VLAGLETWSSFSQGSSYWTAKFTGNTSVAGQGEQKDYWCYETFIDEGYFN
;
_entity_poly.pdbx_strand_id   A,B
#
# COMPACT_ATOMS: atom_id res chain seq x y z
N SER A 13 -26.13 30.53 2.58
CA SER A 13 -24.97 30.96 1.77
C SER A 13 -23.69 30.21 2.20
N TYR A 14 -23.68 29.51 3.33
CA TYR A 14 -22.50 28.67 3.70
C TYR A 14 -22.54 27.38 2.88
N ILE A 15 -21.40 26.75 2.68
CA ILE A 15 -21.44 25.53 1.84
C ILE A 15 -21.65 24.30 2.70
N ASP A 16 -22.30 23.32 2.09
CA ASP A 16 -22.47 21.99 2.62
C ASP A 16 -21.54 21.10 1.83
N TRP A 17 -20.43 20.68 2.44
CA TRP A 17 -19.46 19.84 1.70
C TRP A 17 -20.09 18.54 1.22
N ARG A 18 -21.25 18.12 1.73
CA ARG A 18 -21.91 16.90 1.23
C ARG A 18 -22.46 17.12 -0.18
N THR A 19 -22.78 18.33 -0.54
CA THR A 19 -23.39 18.60 -1.88
C THR A 19 -22.43 19.40 -2.75
N PHE A 20 -21.52 20.17 -2.18
CA PHE A 20 -20.61 21.05 -2.95
C PHE A 20 -19.64 20.19 -3.74
N LYS A 21 -19.39 20.59 -4.98
CA LYS A 21 -18.37 20.00 -5.86
C LYS A 21 -17.52 21.13 -6.42
N GLY A 22 -16.23 20.90 -6.48
CA GLY A 22 -15.38 21.90 -7.14
C GLY A 22 -14.03 21.35 -7.48
N ASN A 23 -13.45 21.87 -8.58
CA ASN A 23 -12.05 21.59 -8.99
C ASN A 23 -11.24 22.84 -8.64
N GLY A 24 -10.18 22.61 -7.92
CA GLY A 24 -9.35 23.67 -7.37
C GLY A 24 -7.89 23.52 -7.67
N VAL A 25 -7.13 24.43 -7.08
CA VAL A 25 -5.67 24.38 -7.07
CA VAL A 25 -5.65 24.37 -7.07
C VAL A 25 -5.14 24.80 -5.69
N ASN A 26 -3.97 24.29 -5.39
CA ASN A 26 -3.16 24.81 -4.27
C ASN A 26 -2.37 26.00 -4.72
N LEU A 27 -2.27 27.00 -3.84
CA LEU A 27 -1.31 28.10 -4.01
C LEU A 27 -0.10 27.76 -3.16
N GLY A 28 0.55 26.64 -3.41
CA GLY A 28 1.71 26.21 -2.66
C GLY A 28 2.97 26.96 -3.02
N GLY A 29 3.99 26.90 -2.17
CA GLY A 29 5.27 27.54 -2.46
C GLY A 29 5.20 29.03 -2.42
N TRP A 30 4.13 29.58 -1.87
CA TRP A 30 3.85 31.04 -1.87
C TRP A 30 4.05 31.59 -0.47
N LEU A 31 3.22 31.16 0.46
CA LEU A 31 3.33 31.54 1.88
C LEU A 31 4.07 30.49 2.72
N GLU A 32 4.42 29.36 2.14
CA GLU A 32 5.30 28.36 2.74
C GLU A 32 6.28 27.93 1.65
N GLN A 33 7.52 27.70 2.01
CA GLN A 33 8.59 27.53 0.96
C GLN A 33 9.07 26.08 0.98
N GLU A 34 9.36 25.55 -0.24
CA GLU A 34 9.92 24.20 -0.38
C GLU A 34 10.94 24.20 -1.54
N SER A 35 11.97 23.43 -1.36
CA SER A 35 13.11 23.38 -2.33
C SER A 35 12.66 22.98 -3.72
N THR A 36 11.73 22.04 -3.90
CA THR A 36 11.41 21.50 -5.22
C THR A 36 10.58 22.46 -6.06
N ILE A 37 9.83 23.39 -5.45
CA ILE A 37 8.81 24.15 -6.21
C ILE A 37 9.42 25.21 -7.14
N ASP A 38 10.54 25.81 -6.71
CA ASP A 38 11.19 26.94 -7.46
C ASP A 38 12.70 26.76 -7.23
N SER A 39 13.39 26.19 -8.23
CA SER A 39 14.84 25.86 -8.09
C SER A 39 15.67 27.15 -8.04
N LEU A 40 15.31 28.17 -8.81
CA LEU A 40 16.14 29.41 -8.86
C LEU A 40 16.06 30.07 -7.48
N PHE A 41 14.86 30.08 -6.92
CA PHE A 41 14.70 30.69 -5.56
C PHE A 41 15.57 29.94 -4.58
N TRP A 42 15.42 28.63 -4.48
CA TRP A 42 16.09 27.80 -3.50
C TRP A 42 17.60 27.88 -3.68
N ASP A 43 18.06 27.79 -4.93
CA ASP A 43 19.52 27.79 -5.16
C ASP A 43 20.10 29.14 -4.78
N LYS A 44 19.41 30.22 -5.06
CA LYS A 44 19.88 31.59 -4.74
C LYS A 44 19.88 31.85 -3.22
N TYR A 45 18.88 31.40 -2.47
CA TYR A 45 18.63 31.89 -1.10
C TYR A 45 18.74 30.87 0.02
N SER A 46 18.84 29.57 -0.24
CA SER A 46 18.76 28.56 0.82
C SER A 46 20.07 28.38 1.56
N GLY A 47 21.21 28.67 0.93
CA GLY A 47 22.48 28.24 1.49
C GLY A 47 22.62 26.75 1.63
N GLY A 48 21.82 25.96 0.91
CA GLY A 48 21.87 24.50 1.00
C GLY A 48 20.90 23.89 2.02
N ALA A 49 20.17 24.73 2.77
CA ALA A 49 19.21 24.23 3.77
C ALA A 49 18.20 23.29 3.11
N SER A 50 17.70 22.35 3.88
CA SER A 50 16.66 21.40 3.45
C SER A 50 15.27 22.00 3.59
N ASP A 51 15.11 23.07 4.39
CA ASP A 51 13.78 23.53 4.86
C ASP A 51 13.71 25.05 4.89
N GLU A 52 12.49 25.57 4.93
CA GLU A 52 12.23 27.00 5.03
C GLU A 52 12.92 27.52 6.31
N TRP A 53 12.79 26.79 7.40
CA TRP A 53 13.44 27.14 8.70
C TRP A 53 14.91 27.49 8.48
N GLY A 54 15.66 26.60 7.85
CA GLY A 54 17.11 26.82 7.63
C GLY A 54 17.36 27.87 6.58
N LEU A 55 16.56 28.01 5.54
CA LEU A 55 16.67 29.13 4.57
C LEU A 55 16.56 30.47 5.31
N CYS A 56 15.62 30.59 6.23
CA CYS A 56 15.43 31.85 6.95
C CYS A 56 16.60 32.07 7.89
N GLU A 57 17.04 31.05 8.59
CA GLU A 57 18.22 31.14 9.47
C GLU A 57 19.43 31.61 8.63
N HIS A 58 19.63 31.00 7.46
CA HIS A 58 20.80 31.36 6.61
C HIS A 58 20.73 32.81 6.20
N LEU A 59 19.57 33.33 5.83
CA LEU A 59 19.44 34.72 5.34
C LEU A 59 19.54 35.75 6.49
N GLY A 60 19.34 35.31 7.70
CA GLY A 60 19.39 36.18 8.89
C GLY A 60 18.47 37.38 8.72
N SER A 61 18.98 38.61 8.88
CA SER A 61 18.09 39.79 8.77
C SER A 61 17.52 39.99 7.38
N GLN A 62 18.03 39.28 6.34
CA GLN A 62 17.47 39.46 4.99
C GLN A 62 16.34 38.44 4.74
N CYS A 63 16.05 37.61 5.71
CA CYS A 63 14.96 36.61 5.51
C CYS A 63 13.65 37.30 5.22
N GLY A 64 13.23 38.24 6.05
CA GLY A 64 11.97 38.98 5.86
C GLY A 64 11.87 39.66 4.51
N PRO A 65 12.85 40.53 4.16
CA PRO A 65 12.79 41.22 2.88
C PRO A 65 12.69 40.27 1.67
N VAL A 66 13.40 39.15 1.72
CA VAL A 66 13.40 38.18 0.60
C VAL A 66 12.01 37.55 0.53
N LEU A 67 11.48 37.12 1.70
CA LEU A 67 10.16 36.42 1.65
C LEU A 67 9.05 37.40 1.30
N GLU A 68 9.05 38.63 1.86
CA GLU A 68 7.99 39.60 1.55
C GLU A 68 7.96 39.85 0.04
N HIS A 69 9.13 39.90 -0.59
CA HIS A 69 9.16 40.12 -2.06
C HIS A 69 8.46 38.95 -2.76
N ARG A 70 8.76 37.71 -2.35
CA ARG A 70 8.08 36.54 -2.94
C ARG A 70 6.58 36.59 -2.67
N TYR A 71 6.18 36.90 -1.44
CA TYR A 71 4.73 37.01 -1.14
C TYR A 71 4.03 37.98 -2.11
N ALA A 72 4.68 39.12 -2.34
CA ALA A 72 4.10 40.17 -3.18
C ALA A 72 4.10 39.82 -4.66
N THR A 73 4.96 38.93 -5.14
CA THR A 73 5.15 38.75 -6.58
C THR A 73 4.80 37.36 -7.11
N LEU A 74 4.86 36.30 -6.33
CA LEU A 74 4.71 34.94 -6.94
C LEU A 74 3.27 34.69 -7.38
N ILE A 75 2.30 35.02 -6.52
CA ILE A 75 0.85 34.85 -6.80
C ILE A 75 0.21 36.20 -6.82
N THR A 76 -0.38 36.59 -7.95
CA THR A 76 -1.04 37.89 -8.09
C THR A 76 -2.45 37.71 -8.63
N LYS A 77 -3.18 38.78 -8.75
CA LYS A 77 -4.54 38.73 -9.34
C LYS A 77 -4.51 38.12 -10.74
N ALA A 78 -3.44 38.37 -11.51
CA ALA A 78 -3.28 37.77 -12.86
C ALA A 78 -3.33 36.23 -12.75
N ASP A 79 -2.68 35.65 -11.73
CA ASP A 79 -2.73 34.19 -11.53
C ASP A 79 -4.17 33.76 -11.27
N ILE A 80 -4.92 34.47 -10.44
CA ILE A 80 -6.32 34.11 -10.17
C ILE A 80 -7.15 34.16 -11.44
N ASP A 81 -6.96 35.21 -12.28
CA ASP A 81 -7.67 35.28 -13.58
C ASP A 81 -7.33 34.09 -14.48
N LYS A 82 -6.08 33.72 -14.54
CA LYS A 82 -5.69 32.56 -15.39
C LYS A 82 -6.33 31.27 -14.86
N LEU A 83 -6.27 31.08 -13.54
CA LEU A 83 -6.89 29.87 -12.94
C LEU A 83 -8.40 29.86 -13.21
N ALA A 84 -9.10 30.97 -13.04
CA ALA A 84 -10.53 31.06 -13.31
C ALA A 84 -10.83 30.70 -14.78
N SER A 85 -9.96 31.14 -15.67
CA SER A 85 -10.14 30.90 -17.14
C SER A 85 -10.04 29.39 -17.38
N GLY A 86 -9.29 28.66 -16.58
CA GLY A 86 -9.20 27.18 -16.69
C GLY A 86 -10.29 26.45 -15.93
N GLY A 87 -11.28 27.09 -15.30
CA GLY A 87 -12.41 26.48 -14.61
C GLY A 87 -12.18 26.27 -13.09
N ILE A 88 -11.14 26.86 -12.54
CA ILE A 88 -10.87 26.71 -11.08
C ILE A 88 -11.96 27.45 -10.31
N THR A 89 -12.48 26.79 -9.27
CA THR A 89 -13.49 27.40 -8.38
C THR A 89 -13.13 27.25 -6.89
N VAL A 90 -11.98 26.65 -6.55
CA VAL A 90 -11.53 26.48 -5.15
C VAL A 90 -10.05 26.80 -5.07
N LEU A 91 -9.62 27.53 -4.07
CA LEU A 91 -8.22 27.79 -3.79
C LEU A 91 -7.87 27.20 -2.45
N ARG A 92 -6.94 26.27 -2.41
CA ARG A 92 -6.40 25.78 -1.13
C ARG A 92 -5.11 26.54 -0.90
N ILE A 93 -4.97 27.20 0.24
CA ILE A 93 -3.86 28.11 0.53
C ILE A 93 -3.07 27.65 1.74
N PRO A 94 -1.95 26.94 1.53
CA PRO A 94 -1.06 26.52 2.60
C PRO A 94 -0.34 27.74 3.20
N THR A 95 -0.37 27.82 4.53
CA THR A 95 0.32 28.87 5.28
C THR A 95 1.20 28.22 6.33
N THR A 96 2.27 28.92 6.72
CA THR A 96 2.99 28.50 7.94
C THR A 96 2.22 29.01 9.16
N TYR A 97 2.46 28.39 10.30
CA TYR A 97 1.81 28.92 11.54
C TYR A 97 2.31 30.34 11.80
N ALA A 98 3.50 30.67 11.36
CA ALA A 98 4.15 31.97 11.67
C ALA A 98 3.44 33.10 10.94
N ALA A 99 2.58 32.84 9.97
CA ALA A 99 1.71 33.85 9.38
C ALA A 99 0.75 34.39 10.47
N TRP A 100 0.44 33.54 11.45
CA TRP A 100 -0.70 33.72 12.36
C TRP A 100 -0.23 34.16 13.74
N ILE A 101 0.88 33.62 14.20
CA ILE A 101 1.45 33.92 15.54
C ILE A 101 2.94 34.08 15.40
N ASP A 102 3.53 34.90 16.27
CA ASP A 102 4.97 35.16 16.23
C ASP A 102 5.57 34.60 17.50
N LEU A 103 6.05 33.38 17.51
CA LEU A 103 6.64 32.74 18.70
C LEU A 103 8.11 33.09 18.81
N PRO A 104 8.60 33.42 20.01
CA PRO A 104 10.02 33.80 20.18
C PRO A 104 11.02 32.66 19.96
N SER A 105 10.54 31.42 19.87
CA SER A 105 11.45 30.26 19.66
C SER A 105 11.36 29.73 18.23
N SER A 106 10.66 30.46 17.34
CA SER A 106 10.49 29.99 15.94
C SER A 106 11.40 30.76 14.97
N GLN A 107 12.13 30.03 14.14
CA GLN A 107 12.97 30.61 13.06
C GLN A 107 12.15 30.90 11.82
N LEU A 108 10.88 30.48 11.76
CA LEU A 108 10.05 30.85 10.62
C LEU A 108 9.72 32.34 10.67
N TYR A 109 9.60 32.96 9.52
CA TYR A 109 9.36 34.41 9.44
C TYR A 109 7.88 34.72 9.67
N SER A 110 7.62 35.69 10.57
CA SER A 110 6.29 36.30 10.81
C SER A 110 6.26 37.70 10.17
N GLY A 111 5.47 37.90 9.15
CA GLY A 111 5.37 39.21 8.47
C GLY A 111 3.98 39.50 8.00
N ASN A 112 3.85 39.94 6.76
CA ASN A 112 2.55 40.38 6.18
C ASN A 112 1.87 39.27 5.37
N GLN A 113 2.19 37.99 5.64
CA GLN A 113 1.52 36.90 4.90
C GLN A 113 0.01 37.10 4.83
N THR A 114 -0.69 37.37 5.94
CA THR A 114 -2.17 37.35 5.94
C THR A 114 -2.70 38.57 5.15
N ALA A 115 -1.92 39.63 5.01
CA ALA A 115 -2.35 40.76 4.16
C ALA A 115 -2.37 40.30 2.70
N TYR A 116 -1.37 39.58 2.28
CA TYR A 116 -1.35 39.06 0.88
C TYR A 116 -2.43 38.02 0.68
N LEU A 117 -2.64 37.16 1.69
CA LEU A 117 -3.70 36.15 1.65
C LEU A 117 -5.05 36.87 1.45
N LYS A 118 -5.33 37.89 2.25
CA LYS A 118 -6.59 38.64 2.14
C LYS A 118 -6.74 39.32 0.75
N GLU A 119 -5.66 39.90 0.22
CA GLU A 119 -5.79 40.58 -1.13
C GLU A 119 -6.21 39.55 -2.18
N ILE A 120 -5.55 38.40 -2.16
CA ILE A 120 -5.85 37.37 -3.20
C ILE A 120 -7.20 36.73 -2.94
N ALA A 121 -7.51 36.32 -1.69
CA ALA A 121 -8.78 35.67 -1.38
C ALA A 121 -9.95 36.61 -1.70
N ASP A 122 -9.83 37.87 -1.27
CA ASP A 122 -10.95 38.84 -1.52
C ASP A 122 -11.16 38.98 -3.04
N TYR A 123 -10.08 39.02 -3.81
CA TYR A 123 -10.20 39.19 -5.29
C TYR A 123 -10.90 37.97 -5.86
N ALA A 124 -10.48 36.77 -5.44
CA ALA A 124 -11.05 35.51 -5.92
C ALA A 124 -12.53 35.38 -5.56
N ILE A 125 -12.92 35.80 -4.34
CA ILE A 125 -14.31 35.71 -3.90
C ILE A 125 -15.15 36.75 -4.65
N LYS A 126 -14.70 38.00 -4.63
CA LYS A 126 -15.53 39.09 -5.24
C LYS A 126 -15.66 38.87 -6.75
N THR A 127 -14.63 38.37 -7.42
CA THR A 127 -14.62 38.37 -8.89
C THR A 127 -15.24 37.07 -9.39
N TYR A 128 -14.99 35.93 -8.75
CA TYR A 128 -15.36 34.59 -9.25
C TYR A 128 -16.14 33.73 -8.26
N ASN A 129 -16.37 34.22 -7.05
CA ASN A 129 -17.08 33.47 -6.00
C ASN A 129 -16.35 32.14 -5.69
N MET A 130 -15.02 32.14 -5.79
CA MET A 130 -14.24 30.93 -5.42
C MET A 130 -14.42 30.63 -3.92
N HIS A 131 -14.28 29.36 -3.56
CA HIS A 131 -14.22 28.92 -2.13
C HIS A 131 -12.76 28.85 -1.72
N ILE A 132 -12.44 29.25 -0.50
CA ILE A 132 -11.07 29.35 0.00
C ILE A 132 -10.89 28.34 1.12
N ILE A 133 -9.91 27.48 1.01
CA ILE A 133 -9.47 26.61 2.13
C ILE A 133 -8.21 27.21 2.75
N ILE A 134 -8.25 27.64 4.02
CA ILE A 134 -7.07 28.15 4.71
C ILE A 134 -6.44 26.99 5.48
N ASP A 135 -5.23 26.59 5.10
CA ASP A 135 -4.54 25.44 5.68
C ASP A 135 -3.37 25.93 6.54
N THR A 136 -3.34 25.56 7.81
CA THR A 136 -2.17 25.76 8.67
C THR A 136 -1.22 24.57 8.45
N HIS A 137 -0.34 24.71 7.45
CA HIS A 137 0.46 23.59 6.94
C HIS A 137 1.46 23.08 7.95
N SER A 138 1.99 23.99 8.76
CA SER A 138 2.86 23.68 9.90
C SER A 138 2.16 24.08 11.20
N LEU A 139 2.56 23.44 12.28
CA LEU A 139 2.12 23.87 13.66
C LEU A 139 3.37 23.90 14.53
N PRO A 140 3.32 24.71 15.62
CA PRO A 140 4.44 24.85 16.51
C PRO A 140 4.99 23.51 17.00
N GLY A 141 6.30 23.32 16.86
CA GLY A 141 7.03 22.14 17.29
C GLY A 141 7.23 21.09 16.19
N GLY A 142 6.41 21.14 15.16
CA GLY A 142 6.63 20.25 14.03
C GLY A 142 5.74 19.03 14.09
N VAL A 143 4.99 18.77 13.00
CA VAL A 143 4.00 17.69 13.00
C VAL A 143 4.43 16.46 12.17
N ASN A 144 5.58 16.51 11.50
CA ASN A 144 5.94 15.34 10.66
C ASN A 144 7.44 15.26 10.36
N GLY A 145 8.30 15.98 11.06
CA GLY A 145 9.75 15.89 10.81
C GLY A 145 10.16 16.45 9.47
N LEU A 146 9.29 17.12 8.72
CA LEU A 146 9.57 17.62 7.38
C LEU A 146 9.48 19.14 7.40
N THR A 147 10.04 19.80 6.36
CA THR A 147 9.94 21.29 6.30
C THR A 147 8.48 21.73 6.37
N ILE A 148 7.58 21.00 5.74
CA ILE A 148 6.17 21.43 5.62
C ILE A 148 5.52 21.44 7.03
N GLY A 149 5.97 20.62 7.98
CA GLY A 149 5.36 20.49 9.29
C GLY A 149 5.87 21.55 10.27
N GLU A 150 7.02 22.16 9.97
CA GLU A 150 7.67 23.28 10.71
C GLU A 150 9.13 23.33 10.21
N ALA A 151 9.83 22.21 10.28
CA ALA A 151 11.27 22.09 9.94
C ALA A 151 11.67 20.63 9.88
N THR A 152 12.74 20.39 9.09
CA THR A 152 13.33 19.05 9.02
C THR A 152 13.71 18.55 10.39
N GLY A 153 13.31 17.36 10.79
CA GLY A 153 13.68 16.76 12.05
C GLY A 153 12.84 17.22 13.24
N HIS A 154 11.75 18.00 13.04
CA HIS A 154 10.90 18.48 14.15
C HIS A 154 9.62 17.65 14.25
N TRP A 155 9.49 16.91 15.33
CA TRP A 155 8.26 16.16 15.69
C TRP A 155 7.78 16.53 17.09
N TYR A 156 8.24 17.70 17.57
CA TYR A 156 8.01 18.08 18.96
C TYR A 156 6.56 18.37 19.28
N TRP A 157 5.72 18.65 18.29
CA TRP A 157 4.31 18.97 18.52
C TRP A 157 3.57 17.86 19.30
N PHE A 158 3.86 16.59 18.97
CA PHE A 158 3.15 15.47 19.55
C PHE A 158 3.29 15.44 21.09
N TYR A 159 2.16 15.27 21.76
CA TYR A 159 2.05 15.02 23.24
CA TYR A 159 2.02 15.03 23.23
C TYR A 159 2.56 16.21 24.04
N ASN A 160 2.65 17.39 23.44
CA ASN A 160 3.27 18.56 24.10
C ASN A 160 2.22 19.65 24.29
N GLU A 161 1.92 19.99 25.56
CA GLU A 161 0.85 20.96 25.84
C GLU A 161 1.24 22.38 25.48
N THR A 162 2.52 22.73 25.51
CA THR A 162 2.94 24.07 25.04
C THR A 162 2.56 24.24 23.58
N HIS A 163 2.99 23.28 22.75
CA HIS A 163 2.71 23.37 21.29
C HIS A 163 1.23 23.21 21.01
N PHE A 164 0.50 22.43 21.81
CA PHE A 164 -0.96 22.30 21.68
C PHE A 164 -1.61 23.66 21.85
N ASN A 165 -1.23 24.34 22.92
CA ASN A 165 -1.82 25.64 23.31
C ASN A 165 -1.54 26.69 22.22
N TYR A 166 -0.31 26.74 21.71
CA TYR A 166 0.01 27.75 20.68
C TYR A 166 -0.63 27.36 19.33
N SER A 167 -0.87 26.07 19.09
CA SER A 167 -1.68 25.65 17.93
C SER A 167 -3.09 26.19 18.02
N MET A 168 -3.70 26.12 19.22
CA MET A 168 -5.03 26.63 19.37
C MET A 168 -5.03 28.15 19.24
N GLN A 169 -3.98 28.82 19.65
CA GLN A 169 -3.86 30.28 19.41
C GLN A 169 -3.82 30.58 17.92
N VAL A 170 -3.13 29.75 17.16
CA VAL A 170 -3.10 29.93 15.67
C VAL A 170 -4.51 29.79 15.12
N ILE A 171 -5.21 28.77 15.54
CA ILE A 171 -6.57 28.52 15.06
C ILE A 171 -7.48 29.66 15.45
N ASP A 172 -7.34 30.23 16.65
CA ASP A 172 -8.15 31.41 17.00
C ASP A 172 -7.91 32.54 16.01
N GLN A 173 -6.67 32.75 15.57
CA GLN A 173 -6.37 33.83 14.59
C GLN A 173 -7.02 33.52 13.26
N VAL A 174 -7.01 32.26 12.84
CA VAL A 174 -7.64 31.90 11.54
C VAL A 174 -9.15 32.12 11.63
N ILE A 175 -9.78 31.68 12.74
CA ILE A 175 -11.24 31.90 12.94
C ILE A 175 -11.53 33.38 12.88
N ASN A 176 -10.74 34.17 13.56
CA ASN A 176 -10.95 35.65 13.56
C ASN A 176 -10.81 36.22 12.14
N PHE A 177 -9.82 35.74 11.38
CA PHE A 177 -9.64 36.18 9.98
C PHE A 177 -10.94 35.90 9.20
N ILE A 178 -11.47 34.69 9.34
CA ILE A 178 -12.67 34.26 8.58
C ILE A 178 -13.88 35.14 8.99
N GLN A 179 -14.03 35.32 10.30
CA GLN A 179 -15.23 36.06 10.82
C GLN A 179 -15.15 37.53 10.45
N THR A 180 -13.99 38.12 10.30
CA THR A 180 -13.82 39.56 9.96
C THR A 180 -13.55 39.77 8.46
N SER A 181 -13.68 38.70 7.67
CA SER A 181 -13.33 38.71 6.24
C SER A 181 -14.28 39.53 5.38
N GLY A 182 -15.49 39.78 5.86
CA GLY A 182 -16.58 40.32 5.00
C GLY A 182 -17.33 39.24 4.24
N SER A 183 -16.88 37.97 4.28
CA SER A 183 -17.55 36.84 3.58
C SER A 183 -17.16 35.54 4.28
N PRO A 184 -17.58 35.33 5.54
CA PRO A 184 -17.17 34.12 6.26
C PRO A 184 -17.64 32.85 5.55
N GLN A 185 -18.73 32.92 4.76
CA GLN A 185 -19.30 31.81 4.01
C GLN A 185 -18.34 31.29 2.90
N SER A 186 -17.30 32.03 2.65
CA SER A 186 -16.37 31.69 1.52
C SER A 186 -15.21 30.79 2.01
N TYR A 187 -15.13 30.40 3.28
CA TYR A 187 -13.90 29.78 3.84
C TYR A 187 -14.17 28.45 4.51
N THR A 188 -13.22 27.54 4.33
CA THR A 188 -13.09 26.28 5.06
C THR A 188 -11.78 26.32 5.83
N LEU A 189 -11.79 25.89 7.10
CA LEU A 189 -10.61 25.92 7.96
C LEU A 189 -9.98 24.52 8.03
N GLU A 190 -8.71 24.42 7.65
CA GLU A 190 -7.96 23.16 7.69
C GLU A 190 -6.81 23.28 8.69
N PRO A 191 -6.96 22.70 9.91
CA PRO A 191 -6.05 23.04 11.01
C PRO A 191 -4.79 22.19 11.16
N ILE A 192 -4.60 21.21 10.28
CA ILE A 192 -3.35 20.44 10.29
C ILE A 192 -3.14 19.86 8.89
N ASN A 193 -1.88 19.53 8.60
CA ASN A 193 -1.51 18.93 7.29
C ASN A 193 -0.51 17.84 7.50
N GLU A 194 -0.83 16.60 7.09
CA GLU A 194 0.07 15.44 7.05
C GLU A 194 0.83 15.26 8.37
N PRO A 195 0.11 15.15 9.52
CA PRO A 195 0.79 14.77 10.74
C PRO A 195 1.33 13.35 10.61
N ALA A 196 2.53 13.10 11.13
CA ALA A 196 3.19 11.78 11.04
C ALA A 196 4.21 11.68 12.16
N ASP A 197 4.10 10.61 12.96
CA ASP A 197 5.03 10.37 14.07
C ASP A 197 5.89 9.17 13.83
N ASN A 198 5.80 8.48 12.69
CA ASN A 198 6.53 7.19 12.49
C ASN A 198 7.27 7.20 11.17
N ASN A 199 7.70 8.35 10.68
CA ASN A 199 8.34 8.50 9.36
C ASN A 199 9.84 8.82 9.45
N THR A 200 10.52 8.33 10.48
CA THR A 200 12.00 8.48 10.47
C THR A 200 12.59 7.71 9.29
N ASN A 201 11.96 6.60 8.90
CA ASN A 201 12.27 5.94 7.61
C ASN A 201 11.14 6.37 6.66
N MET A 202 11.47 7.22 5.69
CA MET A 202 10.47 7.83 4.82
C MET A 202 9.81 6.83 3.86
N VAL A 203 10.21 5.56 3.85
CA VAL A 203 9.49 4.57 3.04
C VAL A 203 8.03 4.46 3.47
N VAL A 204 7.69 4.79 4.70
CA VAL A 204 6.29 4.70 5.18
C VAL A 204 5.54 6.00 4.93
N PHE A 205 6.23 7.07 4.52
CA PHE A 205 5.45 8.31 4.30
C PHE A 205 4.48 8.05 3.16
N GLY A 206 3.30 8.69 3.20
CA GLY A 206 2.25 8.40 2.26
C GLY A 206 1.39 7.18 2.54
N THR A 207 1.65 6.49 3.63
CA THR A 207 0.95 5.26 3.97
C THR A 207 0.38 5.35 5.39
N PRO A 208 -0.50 4.43 5.76
CA PRO A 208 -1.02 4.42 7.15
C PRO A 208 0.07 4.21 8.20
N LEU A 209 1.19 3.64 7.85
CA LEU A 209 2.24 3.35 8.84
C LEU A 209 3.00 4.63 9.22
N ALA A 210 2.70 5.78 8.58
CA ALA A 210 3.39 7.04 8.94
C ALA A 210 2.84 7.57 10.26
N LEU A 211 1.72 7.12 10.75
CA LEU A 211 1.09 7.63 12.00
C LEU A 211 0.70 6.46 12.86
N THR A 212 1.27 6.38 14.06
CA THR A 212 0.91 5.33 15.04
C THR A 212 -0.43 5.61 15.70
N ASP A 213 -1.03 4.60 16.35
CA ASP A 213 -2.27 4.84 17.11
C ASP A 213 -2.04 5.86 18.22
N HIS A 214 -0.88 5.85 18.86
CA HIS A 214 -0.55 6.84 19.91
C HIS A 214 -0.54 8.26 19.28
N GLY A 215 0.16 8.45 18.17
CA GLY A 215 0.15 9.75 17.51
C GLY A 215 -1.22 10.11 17.04
N ALA A 216 -1.98 9.17 16.50
CA ALA A 216 -3.34 9.43 16.03
C ALA A 216 -4.25 9.90 17.17
N ALA A 217 -4.05 9.41 18.39
CA ALA A 217 -4.86 9.86 19.54
C ALA A 217 -4.57 11.34 19.82
N TRP A 218 -3.33 11.79 19.69
CA TRP A 218 -3.01 13.20 19.95
C TRP A 218 -3.63 14.03 18.82
N VAL A 219 -3.52 13.58 17.57
CA VAL A 219 -4.16 14.31 16.47
C VAL A 219 -5.64 14.43 16.75
N LEU A 220 -6.31 13.34 17.19
CA LEU A 220 -7.76 13.39 17.47
C LEU A 220 -8.10 14.39 18.58
N LYS A 221 -7.29 14.42 19.63
CA LYS A 221 -7.48 15.40 20.72
C LYS A 221 -7.48 16.80 20.11
N TYR A 222 -6.51 17.07 19.22
CA TYR A 222 -6.38 18.41 18.61
C TYR A 222 -7.57 18.69 17.71
N ILE A 223 -7.93 17.77 16.82
CA ILE A 223 -9.05 18.05 15.90
C ILE A 223 -10.37 18.25 16.69
N ARG A 224 -10.57 17.47 17.69
CA ARG A 224 -11.77 17.65 18.56
C ARG A 224 -11.73 19.05 19.18
N ALA A 225 -10.59 19.50 19.67
CA ALA A 225 -10.51 20.85 20.23
C ALA A 225 -10.79 21.94 19.18
N VAL A 226 -10.26 21.76 17.96
CA VAL A 226 -10.50 22.74 16.89
C VAL A 226 -12.00 22.76 16.50
N VAL A 227 -12.57 21.57 16.34
CA VAL A 227 -14.02 21.50 15.98
C VAL A 227 -14.86 22.21 17.06
N GLN A 228 -14.54 21.98 18.31
CA GLN A 228 -15.25 22.67 19.42
C GLN A 228 -15.01 24.15 19.39
N ARG A 229 -13.80 24.61 19.12
CA ARG A 229 -13.54 26.05 19.07
C ARG A 229 -14.32 26.68 17.91
N VAL A 230 -14.29 26.08 16.73
CA VAL A 230 -15.06 26.65 15.59
C VAL A 230 -16.57 26.60 15.92
N GLU A 231 -17.07 25.47 16.39
CA GLU A 231 -18.49 25.35 16.82
C GLU A 231 -18.83 26.46 17.81
N SER A 232 -17.94 26.84 18.72
CA SER A 232 -18.24 27.85 19.75
C SER A 232 -18.39 29.23 19.12
N VAL A 233 -17.77 29.53 17.98
CA VAL A 233 -17.79 30.86 17.36
C VAL A 233 -18.77 30.90 16.18
N ASN A 234 -18.67 29.97 15.25
CA ASN A 234 -19.48 30.02 14.02
C ASN A 234 -19.48 28.60 13.51
N PRO A 235 -20.48 27.81 13.84
CA PRO A 235 -20.53 26.40 13.48
C PRO A 235 -20.74 26.17 11.97
N ASN A 236 -21.05 27.24 11.25
CA ASN A 236 -21.30 27.14 9.81
C ASN A 236 -19.96 27.13 9.06
N ILE A 237 -18.85 27.45 9.72
CA ILE A 237 -17.50 27.33 9.06
C ILE A 237 -17.16 25.85 9.06
N PRO A 238 -16.95 25.17 7.90
CA PRO A 238 -16.56 23.78 7.91
C PRO A 238 -15.10 23.61 8.35
N VAL A 239 -14.84 22.48 8.97
CA VAL A 239 -13.47 22.04 9.35
C VAL A 239 -13.07 20.92 8.39
N MET A 240 -11.92 21.09 7.75
CA MET A 240 -11.34 20.08 6.86
C MET A 240 -10.20 19.37 7.58
N PHE A 241 -10.40 18.09 7.81
CA PHE A 241 -9.49 17.21 8.56
C PHE A 241 -8.61 16.44 7.58
N GLN A 242 -7.31 16.76 7.56
CA GLN A 242 -6.30 16.00 6.82
C GLN A 242 -5.75 14.93 7.78
N GLY A 243 -6.35 13.73 7.73
CA GLY A 243 -6.02 12.66 8.68
C GLY A 243 -4.83 11.85 8.27
N SER A 244 -3.73 12.51 7.94
CA SER A 244 -2.49 11.84 7.52
C SER A 244 -2.82 10.99 6.29
N PHE A 245 -2.30 9.77 6.24
CA PHE A 245 -2.50 8.83 5.12
C PHE A 245 -3.26 7.65 5.62
N LYS A 246 -4.00 7.76 6.71
CA LYS A 246 -4.98 6.73 7.12
C LYS A 246 -6.15 6.76 6.14
N TYR A 247 -6.77 5.63 5.93
CA TYR A 247 -8.05 5.64 5.18
C TYR A 247 -9.06 6.45 5.97
N PRO A 248 -9.96 7.24 5.32
CA PRO A 248 -10.97 7.99 6.05
C PRO A 248 -11.73 7.10 7.03
N GLN A 249 -12.01 5.84 6.66
CA GLN A 249 -12.69 4.86 7.50
C GLN A 249 -12.06 4.79 8.89
N TYR A 250 -10.73 5.00 9.01
CA TYR A 250 -10.02 4.93 10.28
C TYR A 250 -10.58 5.94 11.25
N TRP A 251 -10.95 7.12 10.75
CA TRP A 251 -11.35 8.25 11.62
C TRP A 251 -12.88 8.38 11.75
N GLU A 252 -13.62 7.76 10.86
CA GLU A 252 -15.12 7.94 10.76
C GLU A 252 -15.84 7.75 12.10
N GLY A 253 -15.47 6.70 12.83
CA GLY A 253 -16.10 6.35 14.10
C GLY A 253 -15.82 7.36 15.16
N ASP A 254 -14.92 8.32 14.96
CA ASP A 254 -14.54 9.26 16.04
C ASP A 254 -15.37 10.54 16.07
N PHE A 255 -16.25 10.77 15.07
CA PHE A 255 -17.06 11.97 14.98
C PHE A 255 -18.50 11.59 14.67
N PRO A 256 -19.48 12.23 15.34
CA PRO A 256 -20.88 12.09 14.94
C PRO A 256 -21.11 12.66 13.54
N ALA A 257 -21.98 12.02 12.78
CA ALA A 257 -22.27 12.43 11.39
C ALA A 257 -22.75 13.88 11.32
N SER A 258 -23.33 14.44 12.38
CA SER A 258 -23.77 15.86 12.40
C SER A 258 -22.61 16.88 12.39
N THR A 259 -21.39 16.42 12.66
CA THR A 259 -20.21 17.32 12.67
C THR A 259 -20.01 17.96 11.30
N ASN A 260 -19.77 19.26 11.28
CA ASN A 260 -19.53 20.01 10.01
C ASN A 260 -18.08 19.75 9.61
N LEU A 261 -17.83 18.59 9.04
CA LEU A 261 -16.48 18.05 8.81
C LEU A 261 -16.40 17.52 7.39
N VAL A 262 -15.25 17.72 6.79
CA VAL A 262 -14.89 17.12 5.49
C VAL A 262 -13.47 16.60 5.60
N PHE A 263 -13.19 15.45 5.03
CA PHE A 263 -11.82 14.93 5.00
C PHE A 263 -11.04 15.48 3.82
N ASP A 264 -9.76 15.70 4.01
CA ASP A 264 -8.82 16.06 2.92
C ASP A 264 -7.89 14.89 2.70
N THR A 265 -8.03 14.19 1.58
CA THR A 265 -7.11 13.12 1.21
C THR A 265 -6.05 13.59 0.25
N HIS A 266 -4.84 13.09 0.41
CA HIS A 266 -3.71 13.49 -0.47
C HIS A 266 -3.26 12.25 -1.21
N HIS A 267 -3.30 12.27 -2.54
CA HIS A 267 -2.95 11.09 -3.36
C HIS A 267 -1.84 11.44 -4.35
N TYR A 268 -0.71 10.80 -4.17
CA TYR A 268 0.48 10.98 -5.03
C TYR A 268 0.98 9.66 -5.51
N TYR A 269 1.76 9.73 -6.58
CA TYR A 269 2.20 8.54 -7.37
C TYR A 269 3.67 8.54 -7.70
N TYR A 270 4.44 9.50 -7.22
CA TYR A 270 5.78 9.81 -7.76
C TYR A 270 6.87 8.98 -7.10
N GLU A 271 6.56 8.23 -6.02
CA GLU A 271 7.54 7.26 -5.48
C GLU A 271 6.80 6.06 -4.89
N HIS A 272 7.58 4.99 -4.66
CA HIS A 272 7.17 3.84 -3.82
C HIS A 272 6.05 2.98 -4.43
N MET A 273 5.94 3.00 -5.76
CA MET A 273 4.95 2.12 -6.42
C MET A 273 5.40 1.97 -7.88
N ASP A 274 4.79 0.99 -8.54
CA ASP A 274 5.08 0.69 -9.96
C ASP A 274 4.17 1.49 -10.88
N SER A 275 3.99 2.77 -10.56
CA SER A 275 3.19 3.67 -11.40
C SER A 275 3.99 4.15 -12.62
N SER A 276 3.28 4.36 -13.71
CA SER A 276 3.81 4.97 -14.93
C SER A 276 2.83 6.00 -15.45
N SER A 277 3.23 6.80 -16.46
CA SER A 277 2.21 7.65 -17.09
C SER A 277 1.10 6.80 -17.75
N GLU A 278 1.48 5.66 -18.33
CA GLU A 278 0.51 4.82 -19.04
C GLU A 278 -0.53 4.27 -18.08
N ASN A 279 -0.11 3.80 -16.90
CA ASN A 279 -1.04 3.11 -15.98
C ASN A 279 -1.60 4.04 -14.90
N LEU A 280 -1.23 5.32 -14.95
CA LEU A 280 -1.61 6.23 -13.83
C LEU A 280 -3.10 6.19 -13.60
N PRO A 281 -4.02 6.20 -14.60
CA PRO A 281 -5.44 6.20 -14.29
C PRO A 281 -5.90 5.00 -13.45
N GLU A 282 -5.21 3.87 -13.56
CA GLU A 282 -5.48 2.68 -12.73
C GLU A 282 -5.17 2.97 -11.27
N TYR A 283 -4.09 3.64 -11.03
CA TYR A 283 -3.68 4.00 -9.63
C TYR A 283 -4.63 5.05 -9.07
N ILE A 284 -5.03 6.02 -9.90
CA ILE A 284 -6.00 7.04 -9.49
C ILE A 284 -7.32 6.36 -9.12
N LEU A 285 -7.82 5.48 -10.00
CA LEU A 285 -9.09 4.80 -9.72
C LEU A 285 -8.96 3.93 -8.45
N ALA A 286 -7.84 3.28 -8.21
CA ALA A 286 -7.65 2.46 -7.00
C ALA A 286 -7.78 3.33 -5.74
N ASP A 287 -7.18 4.51 -5.75
CA ASP A 287 -7.28 5.42 -4.61
C ASP A 287 -8.73 5.82 -4.42
N ALA A 288 -9.41 6.19 -5.49
CA ALA A 288 -10.79 6.65 -5.34
C ALA A 288 -11.69 5.52 -4.83
N ARG A 289 -11.53 4.32 -5.36
CA ARG A 289 -12.39 3.18 -4.98
C ARG A 289 -12.17 2.76 -3.54
N GLU A 290 -10.93 2.83 -3.03
CA GLU A 290 -10.64 2.22 -1.71
C GLU A 290 -10.38 3.27 -0.64
N LYS A 291 -10.16 4.55 -0.99
CA LYS A 291 -9.68 5.54 0.00
C LYS A 291 -10.63 6.74 0.04
N SER A 292 -11.93 6.55 -0.17
CA SER A 292 -12.95 7.64 -0.14
C SER A 292 -13.92 7.48 1.04
N GLY A 293 -13.60 6.62 2.00
CA GLY A 293 -14.50 6.42 3.16
C GLY A 293 -15.76 5.66 2.80
N THR A 294 -16.68 5.56 3.76
CA THR A 294 -17.94 4.78 3.60
C THR A 294 -19.08 5.71 3.21
N GLY A 295 -18.88 7.00 3.08
CA GLY A 295 -19.92 8.00 2.86
C GLY A 295 -20.41 8.69 4.12
N LYS A 296 -19.86 8.34 5.28
CA LYS A 296 -20.34 8.97 6.53
C LYS A 296 -20.09 10.48 6.45
N PHE A 297 -18.85 10.85 6.04
CA PHE A 297 -18.46 12.24 5.77
C PHE A 297 -17.99 12.43 4.31
N PRO A 298 -18.12 13.69 3.84
CA PRO A 298 -17.63 14.00 2.50
C PRO A 298 -16.09 14.03 2.51
N VAL A 299 -15.51 13.81 1.32
CA VAL A 299 -14.06 13.77 1.07
C VAL A 299 -13.74 14.75 -0.04
N PHE A 300 -12.65 15.46 0.11
CA PHE A 300 -12.06 16.32 -0.94
C PHE A 300 -10.59 15.92 -1.11
N VAL A 301 -10.13 15.77 -2.35
CA VAL A 301 -8.75 15.33 -2.63
C VAL A 301 -7.92 16.60 -2.66
N GLY A 302 -7.51 17.09 -1.49
CA GLY A 302 -6.88 18.42 -1.41
C GLY A 302 -5.49 18.54 -2.00
N GLU A 303 -4.82 17.46 -2.24
CA GLU A 303 -3.53 17.48 -2.95
C GLU A 303 -3.46 16.22 -3.81
N TRP A 304 -2.94 16.40 -5.02
CA TRP A 304 -2.57 15.31 -5.94
C TRP A 304 -1.76 15.91 -7.07
N ALA A 305 -1.05 15.04 -7.80
CA ALA A 305 -0.31 15.43 -9.00
C ALA A 305 -0.11 14.21 -9.85
N ILE A 306 0.25 14.42 -11.13
CA ILE A 306 0.33 13.29 -12.13
C ILE A 306 1.71 12.69 -12.26
N GLN A 307 2.76 13.14 -11.60
CA GLN A 307 4.08 12.49 -11.76
C GLN A 307 4.00 11.06 -11.26
N ALA A 308 4.41 10.12 -12.13
CA ALA A 308 4.55 8.68 -11.78
C ALA A 308 5.96 8.34 -11.30
N THR A 309 6.13 7.15 -10.73
CA THR A 309 7.43 6.71 -10.22
C THR A 309 8.36 6.37 -11.39
N TYR A 310 7.81 5.78 -12.42
CA TYR A 310 8.61 5.37 -13.60
C TYR A 310 7.96 5.87 -14.87
N ASN A 311 8.78 5.94 -15.93
CA ASN A 311 8.27 6.10 -17.32
C ASN A 311 7.23 7.21 -17.39
N ASN A 312 7.64 8.39 -16.98
CA ASN A 312 6.84 9.60 -17.22
C ASN A 312 6.89 9.99 -18.67
N THR A 313 5.76 10.29 -19.21
CA THR A 313 5.68 10.85 -20.58
C THR A 313 4.89 12.12 -20.60
N LEU A 314 5.41 13.06 -21.36
CA LEU A 314 4.70 14.31 -21.56
C LEU A 314 3.42 14.18 -22.35
N ALA A 315 3.40 13.17 -23.27
CA ALA A 315 2.28 13.00 -24.18
C ALA A 315 0.97 12.68 -23.43
N LEU A 316 1.05 12.06 -22.24
CA LEU A 316 -0.15 11.58 -21.53
C LEU A 316 -0.56 12.57 -20.44
N ARG A 317 0.03 13.73 -20.37
CA ARG A 317 -0.28 14.66 -19.25
C ARG A 317 -1.72 15.08 -19.33
N LYS A 318 -2.22 15.44 -20.52
CA LYS A 318 -3.63 15.91 -20.63
C LYS A 318 -4.58 14.78 -20.22
N ARG A 319 -4.37 13.58 -20.76
CA ARG A 319 -5.23 12.41 -20.44
C ARG A 319 -5.21 12.14 -18.93
N ASN A 320 -4.02 12.21 -18.31
CA ASN A 320 -3.84 11.92 -16.86
C ASN A 320 -4.50 12.99 -15.99
N VAL A 321 -4.31 14.27 -16.31
CA VAL A 321 -4.98 15.34 -15.48
C VAL A 321 -6.47 15.20 -15.59
N LEU A 322 -7.01 15.04 -16.81
CA LEU A 322 -8.46 14.92 -16.97
C LEU A 322 -9.01 13.66 -16.31
N ALA A 323 -8.27 12.54 -16.38
CA ALA A 323 -8.69 11.30 -15.72
C ALA A 323 -8.83 11.53 -14.20
N GLY A 324 -7.83 12.17 -13.63
CA GLY A 324 -7.89 12.42 -12.19
C GLY A 324 -9.01 13.35 -11.85
N LEU A 325 -9.17 14.49 -12.54
CA LEU A 325 -10.25 15.42 -12.21
C LEU A 325 -11.60 14.69 -12.22
N GLU A 326 -11.83 13.89 -13.25
CA GLU A 326 -13.13 13.20 -13.42
CA GLU A 326 -13.12 13.21 -13.42
C GLU A 326 -13.36 12.19 -12.28
N THR A 327 -12.29 11.50 -11.87
CA THR A 327 -12.39 10.46 -10.83
C THR A 327 -12.67 11.14 -9.49
N TRP A 328 -11.88 12.13 -9.14
CA TRP A 328 -12.07 12.73 -7.80
C TRP A 328 -13.43 13.40 -7.69
N SER A 329 -14.01 13.96 -8.77
CA SER A 329 -15.30 14.65 -8.65
CA SER A 329 -15.31 14.64 -8.80
C SER A 329 -16.49 13.67 -8.70
N SER A 330 -16.25 12.44 -9.08
CA SER A 330 -17.30 11.38 -9.13
C SER A 330 -17.39 10.65 -7.81
N PHE A 331 -16.26 10.25 -7.25
CA PHE A 331 -16.24 9.43 -6.03
C PHE A 331 -16.02 10.29 -4.79
N SER A 332 -15.80 11.57 -4.93
CA SER A 332 -15.63 12.48 -3.79
C SER A 332 -16.14 13.85 -4.22
N GLN A 333 -15.80 14.93 -3.51
CA GLN A 333 -16.36 16.24 -3.83
C GLN A 333 -15.49 17.10 -4.75
N GLY A 334 -14.49 16.53 -5.34
CA GLY A 334 -13.56 17.27 -6.18
C GLY A 334 -12.15 17.17 -5.63
N SER A 335 -11.31 18.06 -6.10
CA SER A 335 -9.88 17.98 -5.81
C SER A 335 -9.23 19.35 -6.00
N SER A 336 -8.03 19.45 -5.47
CA SER A 336 -7.18 20.63 -5.71
C SER A 336 -5.77 20.18 -6.02
N TYR A 337 -5.28 20.55 -7.21
CA TYR A 337 -3.99 20.10 -7.74
C TYR A 337 -2.85 20.79 -7.02
N TRP A 338 -1.75 20.08 -6.85
CA TRP A 338 -0.48 20.65 -6.34
C TRP A 338 0.39 20.85 -7.57
N THR A 339 0.61 22.07 -8.06
CA THR A 339 0.25 23.37 -7.49
C THR A 339 0.07 24.37 -8.62
N ALA A 340 -0.39 25.59 -8.32
CA ALA A 340 -0.69 26.57 -9.36
C ALA A 340 0.55 26.92 -10.18
N LYS A 341 1.66 27.19 -9.52
CA LYS A 341 2.86 27.75 -10.17
C LYS A 341 4.05 26.97 -9.66
N PHE A 342 4.82 26.33 -10.56
CA PHE A 342 5.91 25.45 -10.19
C PHE A 342 6.99 25.54 -11.27
N THR A 343 8.19 25.94 -10.89
CA THR A 343 9.30 26.06 -11.88
C THR A 343 10.45 25.15 -11.56
N GLY A 344 10.35 24.27 -10.56
CA GLY A 344 11.37 23.31 -10.17
C GLY A 344 11.80 22.45 -11.34
N ASN A 345 13.09 22.27 -11.50
CA ASN A 345 13.55 21.54 -12.72
C ASN A 345 14.22 20.24 -12.33
N THR A 346 13.90 19.65 -11.18
CA THR A 346 14.37 18.31 -10.80
C THR A 346 13.93 17.30 -11.89
N SER A 347 14.86 16.45 -12.35
CA SER A 347 14.53 15.39 -13.33
C SER A 347 13.50 14.38 -12.79
N VAL A 348 12.65 13.85 -13.68
CA VAL A 348 11.74 12.73 -13.34
C VAL A 348 12.25 11.48 -14.06
N ALA A 349 11.82 10.30 -13.63
CA ALA A 349 12.09 9.05 -14.36
C ALA A 349 11.27 9.12 -15.67
N GLY A 350 11.90 8.88 -16.84
CA GLY A 350 11.23 9.09 -18.13
C GLY A 350 11.58 10.43 -18.72
N GLN A 351 10.64 11.17 -19.26
CA GLN A 351 10.89 12.39 -20.05
C GLN A 351 10.57 13.59 -19.18
N GLY A 352 11.44 14.58 -19.17
CA GLY A 352 11.06 15.91 -18.68
C GLY A 352 11.52 16.13 -17.26
N GLU A 353 10.96 17.21 -16.74
CA GLU A 353 11.35 17.72 -15.39
C GLU A 353 10.08 17.94 -14.56
N GLN A 354 10.27 18.14 -13.25
CA GLN A 354 9.04 18.29 -12.41
C GLN A 354 8.15 19.43 -12.89
N LYS A 355 8.70 20.55 -13.34
CA LYS A 355 7.85 21.64 -13.82
C LYS A 355 6.90 21.23 -14.94
N ASP A 356 7.20 20.19 -15.71
CA ASP A 356 6.29 19.73 -16.77
C ASP A 356 5.05 19.03 -16.22
N TYR A 357 5.09 18.52 -14.97
CA TYR A 357 4.02 17.67 -14.41
C TYR A 357 3.36 18.35 -13.19
N TRP A 358 3.95 19.36 -12.60
CA TRP A 358 3.46 19.94 -11.31
C TRP A 358 2.94 21.39 -11.45
N CYS A 359 2.93 21.99 -12.64
CA CYS A 359 2.51 23.39 -12.84
C CYS A 359 1.14 23.45 -13.45
N TYR A 360 0.12 23.73 -12.67
CA TYR A 360 -1.24 23.74 -13.21
C TYR A 360 -1.44 24.85 -14.25
N GLU A 361 -0.81 26.02 -14.07
CA GLU A 361 -0.99 27.14 -15.03
C GLU A 361 -0.47 26.68 -16.41
N THR A 362 0.57 25.86 -16.43
CA THR A 362 1.07 25.33 -17.74
C THR A 362 -0.05 24.55 -18.41
N PHE A 363 -0.76 23.69 -17.66
CA PHE A 363 -1.88 22.92 -18.25
C PHE A 363 -2.92 23.83 -18.86
N ILE A 364 -3.29 24.90 -18.14
CA ILE A 364 -4.30 25.85 -18.64
C ILE A 364 -3.78 26.46 -19.98
N ASP A 365 -2.55 26.92 -19.98
CA ASP A 365 -1.98 27.64 -21.18
C ASP A 365 -1.87 26.65 -22.35
N GLU A 366 -1.70 25.35 -22.14
CA GLU A 366 -1.64 24.31 -23.20
C GLU A 366 -3.05 23.95 -23.66
N GLY A 367 -4.12 24.51 -23.09
CA GLY A 367 -5.50 24.31 -23.51
C GLY A 367 -6.06 22.96 -23.08
N TYR A 368 -5.54 22.39 -21.98
CA TYR A 368 -6.07 21.08 -21.48
C TYR A 368 -7.54 21.15 -21.12
N PHE A 369 -8.07 22.30 -20.73
CA PHE A 369 -9.45 22.44 -20.21
C PHE A 369 -10.38 23.10 -21.22
N ASN A 370 -9.91 23.31 -22.45
CA ASN A 370 -10.72 23.98 -23.50
C ASN A 370 -11.88 23.06 -23.93
N SER B 13 -9.69 -34.38 -18.89
CA SER B 13 -9.42 -33.03 -19.58
C SER B 13 -8.49 -32.12 -18.74
N TYR B 14 -7.55 -31.50 -19.40
CA TYR B 14 -6.65 -30.49 -18.77
C TYR B 14 -7.47 -29.27 -18.38
N ILE B 15 -7.05 -28.54 -17.36
CA ILE B 15 -7.88 -27.38 -16.97
C ILE B 15 -7.43 -26.14 -17.73
N ASP B 16 -8.40 -25.29 -17.93
CA ASP B 16 -8.21 -23.95 -18.49
C ASP B 16 -8.43 -23.00 -17.33
N TRP B 17 -7.34 -22.41 -16.82
CA TRP B 17 -7.49 -21.51 -15.67
C TRP B 17 -8.35 -20.28 -15.95
N ARG B 18 -8.63 -19.97 -17.22
CA ARG B 18 -9.55 -18.87 -17.53
C ARG B 18 -10.99 -19.26 -17.26
N THR B 19 -11.34 -20.53 -17.20
CA THR B 19 -12.73 -20.94 -16.88
C THR B 19 -12.87 -21.80 -15.64
N PHE B 20 -11.80 -22.36 -15.10
CA PHE B 20 -11.84 -23.18 -13.89
C PHE B 20 -12.00 -22.30 -12.67
N LYS B 21 -12.85 -22.69 -11.75
CA LYS B 21 -13.00 -22.04 -10.44
C LYS B 21 -12.90 -23.14 -9.38
N GLY B 22 -12.29 -22.84 -8.25
CA GLY B 22 -12.26 -23.78 -7.13
C GLY B 22 -11.79 -23.11 -5.88
N ASN B 23 -12.25 -23.61 -4.76
CA ASN B 23 -11.80 -23.19 -3.42
C ASN B 23 -10.90 -24.32 -2.87
N GLY B 24 -9.72 -23.93 -2.39
CA GLY B 24 -8.73 -24.92 -1.95
C GLY B 24 -8.12 -24.62 -0.58
N VAL B 25 -7.11 -25.41 -0.27
CA VAL B 25 -6.30 -25.17 0.93
C VAL B 25 -4.86 -25.53 0.61
N ASN B 26 -3.94 -24.84 1.31
CA ASN B 26 -2.55 -25.22 1.35
C ASN B 26 -2.32 -26.35 2.31
N LEU B 27 -1.40 -27.24 1.93
CA LEU B 27 -0.88 -28.28 2.87
C LEU B 27 0.47 -27.78 3.37
N GLY B 28 0.45 -26.60 3.99
CA GLY B 28 1.65 -25.92 4.52
C GLY B 28 2.17 -26.63 5.77
N GLY B 29 3.44 -26.45 6.08
CA GLY B 29 4.04 -26.98 7.29
C GLY B 29 4.21 -28.48 7.27
N TRP B 30 4.06 -29.09 6.12
CA TRP B 30 4.06 -30.57 5.98
C TRP B 30 5.35 -31.01 5.32
N LEU B 31 5.61 -30.61 4.10
CA LEU B 31 6.86 -30.91 3.37
C LEU B 31 7.86 -29.76 3.45
N GLU B 32 7.42 -28.63 4.02
CA GLU B 32 8.33 -27.48 4.34
C GLU B 32 7.92 -26.99 5.72
N GLN B 33 8.91 -26.70 6.59
CA GLN B 33 8.69 -26.43 8.02
C GLN B 33 8.83 -24.94 8.35
N GLU B 34 7.95 -24.46 9.24
CA GLU B 34 8.03 -23.08 9.71
C GLU B 34 7.64 -23.05 11.21
N SER B 35 8.26 -22.14 11.95
CA SER B 35 8.13 -22.09 13.42
C SER B 35 6.70 -21.87 13.89
N THR B 36 5.92 -21.07 13.16
CA THR B 36 4.62 -20.63 13.65
C THR B 36 3.54 -21.70 13.52
N ILE B 37 3.70 -22.68 12.63
CA ILE B 37 2.58 -23.56 12.25
C ILE B 37 2.31 -24.59 13.33
N ASP B 38 3.37 -25.09 13.96
CA ASP B 38 3.23 -26.14 15.01
C ASP B 38 4.27 -25.81 16.09
N SER B 39 3.83 -25.19 17.18
CA SER B 39 4.73 -24.68 18.25
C SER B 39 5.40 -25.83 19.00
N LEU B 40 4.68 -26.90 19.22
CA LEU B 40 5.22 -28.07 19.98
C LEU B 40 6.34 -28.66 19.14
N PHE B 41 6.09 -28.88 17.90
CA PHE B 41 7.10 -29.47 16.98
C PHE B 41 8.35 -28.57 17.00
N TRP B 42 8.17 -27.27 16.84
CA TRP B 42 9.34 -26.37 16.75
C TRP B 42 10.08 -26.30 18.07
N ASP B 43 9.31 -26.26 19.15
CA ASP B 43 9.98 -26.17 20.47
C ASP B 43 10.79 -27.43 20.72
N LYS B 44 10.28 -28.58 20.33
CA LYS B 44 10.94 -29.85 20.62
C LYS B 44 12.20 -30.02 19.79
N TYR B 45 12.20 -29.55 18.55
CA TYR B 45 13.23 -30.00 17.57
C TYR B 45 14.12 -28.91 16.97
N SER B 46 13.79 -27.61 17.09
CA SER B 46 14.49 -26.55 16.34
C SER B 46 15.82 -26.15 16.97
N GLY B 47 15.95 -26.34 18.28
CA GLY B 47 17.05 -25.72 19.01
C GLY B 47 17.02 -24.22 18.99
N GLY B 48 15.86 -23.62 18.68
CA GLY B 48 15.71 -22.17 18.64
C GLY B 48 15.94 -21.54 17.29
N ALA B 49 16.28 -22.37 16.29
CA ALA B 49 16.51 -21.85 14.93
C ALA B 49 15.33 -21.06 14.40
N SER B 50 15.59 -20.12 13.53
CA SER B 50 14.55 -19.33 12.90
C SER B 50 13.94 -20.05 11.68
N ASP B 51 14.60 -21.08 11.17
CA ASP B 51 14.29 -21.63 9.82
C ASP B 51 14.39 -23.14 9.81
N GLU B 52 13.82 -23.74 8.75
CA GLU B 52 13.97 -25.20 8.55
C GLU B 52 15.45 -25.56 8.37
N TRP B 53 16.19 -24.72 7.68
CA TRP B 53 17.65 -24.93 7.51
C TRP B 53 18.33 -25.18 8.86
N GLY B 54 18.06 -24.33 9.84
CA GLY B 54 18.65 -24.46 11.18
C GLY B 54 18.05 -25.55 11.99
N LEU B 55 16.75 -25.83 11.88
CA LEU B 55 16.15 -26.97 12.57
C LEU B 55 16.87 -28.25 12.11
N CYS B 56 17.07 -28.40 10.81
CA CYS B 56 17.72 -29.62 10.30
C CYS B 56 19.19 -29.65 10.76
N GLU B 57 19.89 -28.52 10.70
CA GLU B 57 21.27 -28.48 11.26
C GLU B 57 21.21 -28.92 12.71
N HIS B 58 20.30 -28.39 13.53
CA HIS B 58 20.28 -28.70 14.96
C HIS B 58 20.10 -30.16 15.18
N LEU B 59 19.25 -30.84 14.42
CA LEU B 59 18.98 -32.27 14.64
C LEU B 59 20.17 -33.11 14.14
N GLY B 60 21.00 -32.56 13.30
CA GLY B 60 22.11 -33.35 12.73
C GLY B 60 21.59 -34.52 11.93
N SER B 61 22.15 -35.73 12.08
CA SER B 61 21.67 -36.85 11.24
CA SER B 61 21.72 -36.95 11.35
C SER B 61 20.31 -37.36 11.74
N GLN B 62 19.77 -36.88 12.85
CA GLN B 62 18.37 -37.18 13.21
C GLN B 62 17.35 -36.26 12.46
N CYS B 63 17.81 -35.37 11.62
CA CYS B 63 16.87 -34.50 10.86
C CYS B 63 15.95 -35.33 9.97
N GLY B 64 16.53 -36.29 9.25
CA GLY B 64 15.73 -37.11 8.32
C GLY B 64 14.68 -37.90 9.06
N PRO B 65 15.02 -38.72 10.10
CA PRO B 65 14.04 -39.51 10.82
C PRO B 65 12.91 -38.68 11.41
N VAL B 66 13.24 -37.54 11.98
CA VAL B 66 12.21 -36.64 12.56
C VAL B 66 11.28 -36.16 11.42
N LEU B 67 11.86 -35.68 10.33
CA LEU B 67 11.02 -35.11 9.24
C LEU B 67 10.24 -36.21 8.55
N GLU B 68 10.84 -37.38 8.32
CA GLU B 68 10.04 -38.46 7.71
C GLU B 68 8.84 -38.81 8.56
N HIS B 69 8.96 -38.83 9.87
CA HIS B 69 7.82 -39.11 10.76
C HIS B 69 6.72 -38.06 10.53
N ARG B 70 7.14 -36.78 10.47
CA ARG B 70 6.15 -35.69 10.25
C ARG B 70 5.52 -35.87 8.87
N TYR B 71 6.27 -36.19 7.84
CA TYR B 71 5.72 -36.38 6.49
C TYR B 71 4.64 -37.47 6.50
N ALA B 72 4.90 -38.54 7.25
CA ALA B 72 4.01 -39.72 7.26
C ALA B 72 2.80 -39.48 8.11
N THR B 73 2.81 -38.55 9.06
CA THR B 73 1.72 -38.44 10.05
C THR B 73 0.92 -37.14 10.01
N LEU B 74 1.51 -36.00 9.60
CA LEU B 74 0.78 -34.72 9.73
C LEU B 74 -0.42 -34.71 8.78
N ILE B 75 -0.23 -35.10 7.52
CA ILE B 75 -1.32 -35.05 6.50
C ILE B 75 -1.52 -36.47 6.07
N THR B 76 -2.71 -36.99 6.31
CA THR B 76 -3.05 -38.37 5.88
C THR B 76 -4.27 -38.37 4.98
N LYS B 77 -4.67 -39.54 4.49
CA LYS B 77 -5.92 -39.60 3.69
C LYS B 77 -7.10 -39.08 4.50
N ALA B 78 -7.14 -39.26 5.80
CA ALA B 78 -8.25 -38.77 6.64
C ALA B 78 -8.35 -37.25 6.55
N ASP B 79 -7.20 -36.56 6.50
CA ASP B 79 -7.22 -35.07 6.33
C ASP B 79 -7.86 -34.73 4.99
N ILE B 80 -7.54 -35.44 3.93
CA ILE B 80 -8.11 -35.20 2.59
C ILE B 80 -9.63 -35.39 2.67
N ASP B 81 -10.09 -36.45 3.34
CA ASP B 81 -11.56 -36.71 3.49
C ASP B 81 -12.22 -35.51 4.20
N LYS B 82 -11.61 -35.02 5.25
CA LYS B 82 -12.17 -33.87 6.02
C LYS B 82 -12.22 -32.62 5.12
N LEU B 83 -11.15 -32.37 4.36
CA LEU B 83 -11.13 -31.21 3.46
C LEU B 83 -12.19 -31.34 2.39
N ALA B 84 -12.34 -32.52 1.81
CA ALA B 84 -13.38 -32.73 0.78
C ALA B 84 -14.78 -32.50 1.38
N SER B 85 -14.98 -32.91 2.61
CA SER B 85 -16.30 -32.77 3.30
C SER B 85 -16.61 -31.29 3.48
N GLY B 86 -15.60 -30.43 3.54
CA GLY B 86 -15.83 -29.00 3.62
C GLY B 86 -15.89 -28.31 2.27
N GLY B 87 -15.85 -29.02 1.15
CA GLY B 87 -16.00 -28.47 -0.20
C GLY B 87 -14.70 -28.10 -0.90
N ILE B 88 -13.57 -28.55 -0.35
CA ILE B 88 -12.24 -28.28 -0.99
C ILE B 88 -12.12 -29.05 -2.29
N THR B 89 -11.71 -28.40 -3.35
CA THR B 89 -11.46 -29.05 -4.64
C THR B 89 -10.05 -28.84 -5.19
N VAL B 90 -9.21 -28.05 -4.48
CA VAL B 90 -7.84 -27.72 -4.89
C VAL B 90 -6.92 -27.88 -3.68
N LEU B 91 -5.79 -28.56 -3.91
CA LEU B 91 -4.74 -28.61 -2.88
C LEU B 91 -3.50 -27.90 -3.43
N ARG B 92 -3.00 -26.91 -2.70
CA ARG B 92 -1.68 -26.30 -3.00
C ARG B 92 -0.67 -26.95 -2.05
N ILE B 93 0.39 -27.49 -2.62
CA ILE B 93 1.36 -28.28 -1.83
C ILE B 93 2.74 -27.66 -1.95
N PRO B 94 3.11 -26.83 -0.93
CA PRO B 94 4.45 -26.29 -0.88
C PRO B 94 5.48 -27.38 -0.56
N THR B 95 6.54 -27.38 -1.34
CA THR B 95 7.65 -28.30 -1.14
C THR B 95 8.97 -27.50 -1.10
N THR B 96 9.96 -28.05 -0.39
CA THR B 96 11.30 -27.47 -0.49
C THR B 96 11.95 -27.97 -1.78
N TYR B 97 12.95 -27.27 -2.29
CA TYR B 97 13.66 -27.76 -3.49
C TYR B 97 14.37 -29.07 -3.16
N ALA B 98 14.66 -29.36 -1.91
CA ALA B 98 15.45 -30.53 -1.52
C ALA B 98 14.59 -31.80 -1.67
N ALA B 99 13.27 -31.72 -1.82
CA ALA B 99 12.43 -32.89 -2.19
C ALA B 99 12.81 -33.34 -3.60
N TRP B 100 13.38 -32.50 -4.40
CA TRP B 100 13.52 -32.73 -5.86
C TRP B 100 14.96 -32.90 -6.30
N ILE B 101 15.94 -32.42 -5.53
CA ILE B 101 17.36 -32.44 -5.87
C ILE B 101 18.15 -32.49 -4.58
N ASP B 102 19.24 -33.27 -4.58
CA ASP B 102 20.09 -33.44 -3.38
C ASP B 102 21.41 -32.71 -3.61
N LEU B 103 21.56 -31.47 -3.17
CA LEU B 103 22.79 -30.69 -3.36
C LEU B 103 23.64 -30.86 -2.12
N PRO B 104 24.94 -31.23 -2.25
CA PRO B 104 25.77 -31.46 -1.07
C PRO B 104 25.90 -30.26 -0.13
N SER B 105 25.84 -29.03 -0.65
CA SER B 105 25.95 -27.82 0.21
C SER B 105 24.61 -27.51 0.90
N SER B 106 23.50 -28.13 0.51
CA SER B 106 22.24 -27.73 1.19
C SER B 106 22.15 -28.36 2.55
N GLN B 107 21.63 -27.61 3.56
CA GLN B 107 21.33 -28.17 4.85
C GLN B 107 19.88 -28.64 4.97
N LEU B 108 19.08 -28.43 3.92
CA LEU B 108 17.72 -28.96 3.89
C LEU B 108 17.80 -30.45 3.62
N TYR B 109 16.88 -31.19 4.20
CA TYR B 109 16.82 -32.67 4.08
C TYR B 109 16.25 -33.07 2.71
N SER B 110 16.94 -34.01 2.08
CA SER B 110 16.46 -34.73 0.85
C SER B 110 16.07 -36.15 1.21
N GLY B 111 14.79 -36.47 1.26
CA GLY B 111 14.27 -37.78 1.63
C GLY B 111 13.16 -38.21 0.69
N ASN B 112 12.15 -38.80 1.31
CA ASN B 112 11.03 -39.46 0.59
C ASN B 112 9.83 -38.49 0.46
N GLN B 113 10.05 -37.15 0.54
CA GLN B 113 8.94 -36.15 0.44
C GLN B 113 8.00 -36.49 -0.75
N THR B 114 8.54 -36.79 -1.92
CA THR B 114 7.69 -36.93 -3.11
C THR B 114 6.90 -38.23 -3.05
N ALA B 115 7.32 -39.21 -2.27
CA ALA B 115 6.54 -40.45 -2.13
C ALA B 115 5.28 -40.11 -1.33
N TYR B 116 5.38 -39.28 -0.29
CA TYR B 116 4.20 -38.86 0.50
C TYR B 116 3.34 -37.91 -0.35
N LEU B 117 3.96 -36.99 -1.08
CA LEU B 117 3.25 -36.10 -2.04
C LEU B 117 2.41 -36.99 -2.96
N LYS B 118 3.03 -37.99 -3.62
CA LYS B 118 2.31 -38.88 -4.58
C LYS B 118 1.16 -39.61 -3.87
N GLU B 119 1.39 -40.15 -2.70
CA GLU B 119 0.34 -40.91 -1.98
C GLU B 119 -0.87 -40.00 -1.75
N ILE B 120 -0.66 -38.78 -1.27
CA ILE B 120 -1.78 -37.87 -0.93
C ILE B 120 -2.36 -37.32 -2.22
N ALA B 121 -1.56 -36.95 -3.21
CA ALA B 121 -2.08 -36.42 -4.48
C ALA B 121 -2.90 -37.51 -5.20
N ASP B 122 -2.37 -38.72 -5.25
CA ASP B 122 -3.13 -39.82 -5.93
C ASP B 122 -4.48 -39.99 -5.25
N TYR B 123 -4.50 -40.04 -3.93
CA TYR B 123 -5.77 -40.21 -3.20
C TYR B 123 -6.74 -39.07 -3.51
N ALA B 124 -6.27 -37.82 -3.51
CA ALA B 124 -7.14 -36.67 -3.73
C ALA B 124 -7.65 -36.66 -5.16
N ILE B 125 -6.81 -37.03 -6.10
CA ILE B 125 -7.20 -37.05 -7.51
C ILE B 125 -8.15 -38.22 -7.76
N LYS B 126 -7.74 -39.41 -7.39
CA LYS B 126 -8.56 -40.61 -7.75
C LYS B 126 -9.88 -40.62 -7.00
N THR B 127 -9.91 -40.15 -5.78
CA THR B 127 -11.11 -40.21 -4.92
C THR B 127 -12.02 -39.03 -5.19
N TYR B 128 -11.48 -37.81 -5.30
CA TYR B 128 -12.28 -36.58 -5.32
C TYR B 128 -12.08 -35.74 -6.57
N ASN B 129 -11.18 -36.10 -7.45
CA ASN B 129 -10.83 -35.32 -8.63
C ASN B 129 -10.43 -33.88 -8.24
N MET B 130 -9.69 -33.76 -7.15
CA MET B 130 -9.10 -32.48 -6.80
C MET B 130 -8.01 -32.11 -7.80
N HIS B 131 -7.72 -30.81 -7.96
CA HIS B 131 -6.61 -30.29 -8.75
C HIS B 131 -5.46 -30.01 -7.77
N ILE B 132 -4.24 -30.27 -8.19
CA ILE B 132 -3.06 -30.14 -7.30
C ILE B 132 -2.13 -29.13 -7.91
N ILE B 133 -1.73 -28.15 -7.08
CA ILE B 133 -0.67 -27.20 -7.42
C ILE B 133 0.61 -27.63 -6.70
N ILE B 134 1.62 -27.98 -7.48
CA ILE B 134 2.94 -28.34 -6.88
C ILE B 134 3.78 -27.07 -6.88
N ASP B 135 4.17 -26.61 -5.68
CA ASP B 135 4.90 -25.33 -5.50
C ASP B 135 6.31 -25.66 -5.00
N THR B 136 7.31 -25.22 -5.75
CA THR B 136 8.73 -25.27 -5.26
C THR B 136 8.93 -23.99 -4.45
N HIS B 137 8.69 -24.10 -3.17
CA HIS B 137 8.54 -22.96 -2.25
C HIS B 137 9.90 -22.28 -2.07
N SER B 138 10.96 -23.07 -2.00
CA SER B 138 12.35 -22.59 -1.96
C SER B 138 13.07 -23.01 -3.24
N LEU B 139 14.08 -22.23 -3.60
CA LEU B 139 14.99 -22.63 -4.71
C LEU B 139 16.41 -22.46 -4.22
N PRO B 140 17.34 -23.22 -4.83
CA PRO B 140 18.74 -23.20 -4.39
C PRO B 140 19.34 -21.81 -4.32
N GLY B 141 19.94 -21.53 -3.14
CA GLY B 141 20.56 -20.23 -2.87
C GLY B 141 19.66 -19.28 -2.08
N GLY B 142 18.35 -19.44 -2.17
CA GLY B 142 17.40 -18.62 -1.40
C GLY B 142 16.86 -17.49 -2.27
N VAL B 143 15.52 -17.36 -2.29
CA VAL B 143 14.84 -16.37 -3.17
C VAL B 143 14.33 -15.14 -2.40
N ASN B 144 14.38 -15.10 -1.06
CA ASN B 144 13.77 -13.96 -0.34
C ASN B 144 14.39 -13.69 1.04
N GLY B 145 15.48 -14.35 1.39
CA GLY B 145 16.08 -14.12 2.69
C GLY B 145 15.26 -14.65 3.84
N LEU B 146 14.23 -15.48 3.61
CA LEU B 146 13.40 -16.06 4.66
C LEU B 146 13.54 -17.58 4.63
N THR B 147 13.05 -18.19 5.70
CA THR B 147 13.04 -19.68 5.79
C THR B 147 12.39 -20.28 4.55
N ILE B 148 11.27 -19.69 4.12
CA ILE B 148 10.46 -20.29 3.04
C ILE B 148 11.26 -20.32 1.73
N GLY B 149 12.20 -19.39 1.49
CA GLY B 149 12.94 -19.27 0.23
C GLY B 149 14.14 -20.16 0.15
N GLU B 150 14.58 -20.72 1.27
CA GLU B 150 15.72 -21.66 1.50
C GLU B 150 16.11 -21.56 2.98
N ALA B 151 16.44 -20.33 3.42
CA ALA B 151 16.97 -20.07 4.78
C ALA B 151 16.95 -18.60 5.05
N THR B 152 16.83 -18.31 6.35
CA THR B 152 16.93 -16.90 6.82
C THR B 152 18.24 -16.30 6.33
N GLY B 153 18.21 -15.13 5.71
CA GLY B 153 19.42 -14.44 5.26
C GLY B 153 19.98 -14.88 3.94
N HIS B 154 19.28 -15.78 3.24
CA HIS B 154 19.74 -16.26 1.94
C HIS B 154 18.98 -15.63 0.78
N TRP B 155 19.70 -14.89 -0.02
CA TRP B 155 19.22 -14.29 -1.27
C TRP B 155 20.16 -14.67 -2.43
N TYR B 156 20.94 -15.76 -2.27
CA TYR B 156 22.01 -16.10 -3.22
C TYR B 156 21.46 -16.60 -4.56
N TRP B 157 20.17 -16.96 -4.64
CA TRP B 157 19.61 -17.41 -5.95
C TRP B 157 19.77 -16.34 -7.03
N PHE B 158 19.55 -15.06 -6.66
CA PHE B 158 19.51 -13.99 -7.67
C PHE B 158 20.85 -13.89 -8.42
N TYR B 159 20.77 -13.81 -9.74
CA TYR B 159 21.89 -13.52 -10.66
C TYR B 159 22.98 -14.58 -10.52
N ASN B 160 22.66 -15.78 -10.14
CA ASN B 160 23.64 -16.87 -9.94
C ASN B 160 23.31 -17.99 -10.93
N GLU B 161 24.16 -18.18 -11.95
CA GLU B 161 23.87 -19.15 -13.02
C GLU B 161 23.90 -20.60 -12.52
N THR B 162 24.71 -20.91 -11.53
CA THR B 162 24.75 -22.26 -10.93
C THR B 162 23.38 -22.54 -10.27
N HIS B 163 22.91 -21.60 -9.45
CA HIS B 163 21.60 -21.79 -8.80
C HIS B 163 20.47 -21.77 -9.81
N PHE B 164 20.59 -21.01 -10.86
CA PHE B 164 19.58 -20.99 -11.96
C PHE B 164 19.47 -22.41 -12.53
N ASN B 165 20.64 -22.99 -12.85
CA ASN B 165 20.69 -24.35 -13.46
C ASN B 165 20.11 -25.39 -12.48
N TYR B 166 20.45 -25.29 -11.19
CA TYR B 166 19.90 -26.25 -10.20
C TYR B 166 18.38 -26.09 -10.12
N SER B 167 17.89 -24.85 -10.19
CA SER B 167 16.42 -24.58 -10.18
C SER B 167 15.76 -25.29 -11.36
N MET B 168 16.36 -25.18 -12.55
CA MET B 168 15.83 -25.87 -13.76
C MET B 168 15.89 -27.38 -13.58
N GLN B 169 16.91 -27.89 -12.90
CA GLN B 169 16.99 -29.34 -12.61
C GLN B 169 15.83 -29.77 -11.71
N VAL B 170 15.50 -28.95 -10.71
CA VAL B 170 14.36 -29.19 -9.83
C VAL B 170 13.06 -29.22 -10.68
N ILE B 171 12.91 -28.24 -11.57
CA ILE B 171 11.68 -28.13 -12.40
C ILE B 171 11.64 -29.31 -13.37
N ASP B 172 12.76 -29.79 -13.88
CA ASP B 172 12.72 -31.01 -14.74
C ASP B 172 12.13 -32.15 -13.97
N GLN B 173 12.43 -32.33 -12.68
CA GLN B 173 11.85 -33.41 -11.89
C GLN B 173 10.35 -33.19 -11.62
N VAL B 174 9.95 -31.95 -11.30
CA VAL B 174 8.49 -31.70 -11.08
C VAL B 174 7.68 -31.95 -12.36
N ILE B 175 8.20 -31.52 -13.50
CA ILE B 175 7.48 -31.79 -14.78
C ILE B 175 7.35 -33.30 -14.98
N ASN B 176 8.42 -34.04 -14.66
CA ASN B 176 8.39 -35.51 -14.90
C ASN B 176 7.40 -36.17 -13.94
N PHE B 177 7.32 -35.69 -12.71
CA PHE B 177 6.37 -36.19 -11.70
C PHE B 177 4.96 -36.00 -12.24
N ILE B 178 4.65 -34.82 -12.79
CA ILE B 178 3.33 -34.54 -13.38
C ILE B 178 3.10 -35.44 -14.60
N GLN B 179 4.05 -35.44 -15.51
CA GLN B 179 3.88 -36.10 -16.86
C GLN B 179 3.64 -37.59 -16.66
N THR B 180 4.32 -38.22 -15.69
CA THR B 180 4.23 -39.68 -15.45
C THR B 180 3.27 -40.07 -14.34
N SER B 181 2.47 -39.13 -13.82
CA SER B 181 1.67 -39.32 -12.63
C SER B 181 0.52 -40.28 -12.89
N GLY B 182 0.13 -40.47 -14.14
CA GLY B 182 -1.13 -41.19 -14.44
C GLY B 182 -2.30 -40.24 -14.65
N SER B 183 -2.15 -38.97 -14.24
CA SER B 183 -3.23 -37.96 -14.37
C SER B 183 -2.57 -36.60 -14.52
N PRO B 184 -1.78 -36.37 -15.57
CA PRO B 184 -1.05 -35.10 -15.76
C PRO B 184 -2.02 -33.90 -15.78
N GLN B 185 -3.27 -34.15 -16.20
CA GLN B 185 -4.32 -33.12 -16.29
C GLN B 185 -4.70 -32.61 -14.89
N SER B 186 -4.26 -33.24 -13.81
CA SER B 186 -4.69 -32.90 -12.44
C SER B 186 -3.69 -31.90 -11.78
N TYR B 187 -2.67 -31.48 -12.48
CA TYR B 187 -1.59 -30.68 -11.81
C TYR B 187 -1.30 -29.38 -12.51
N THR B 188 -0.93 -28.37 -11.71
CA THR B 188 -0.37 -27.08 -12.13
C THR B 188 1.01 -26.92 -11.48
N LEU B 189 1.95 -26.44 -12.25
CA LEU B 189 3.36 -26.30 -11.82
C LEU B 189 3.59 -24.85 -11.37
N GLU B 190 3.99 -24.67 -10.10
CA GLU B 190 4.31 -23.33 -9.55
C GLU B 190 5.82 -23.30 -9.23
N PRO B 191 6.65 -22.68 -10.09
CA PRO B 191 8.10 -22.88 -9.99
C PRO B 191 8.84 -21.91 -9.06
N ILE B 192 8.11 -20.95 -8.49
CA ILE B 192 8.77 -20.01 -7.53
C ILE B 192 7.69 -19.56 -6.54
N ASN B 193 8.12 -19.10 -5.37
CA ASN B 193 7.22 -18.57 -4.33
C ASN B 193 7.85 -17.33 -3.69
N GLU B 194 7.14 -16.20 -3.75
CA GLU B 194 7.51 -14.94 -3.04
C GLU B 194 8.99 -14.60 -3.22
N PRO B 195 9.51 -14.47 -4.47
CA PRO B 195 10.85 -13.91 -4.67
C PRO B 195 10.88 -12.46 -4.18
N ALA B 196 11.97 -12.06 -3.54
CA ALA B 196 12.12 -10.69 -3.03
C ALA B 196 13.61 -10.44 -2.87
N ASP B 197 14.07 -9.34 -3.42
CA ASP B 197 15.50 -8.93 -3.29
C ASP B 197 15.65 -7.61 -2.54
N ASN B 198 14.58 -7.04 -2.00
CA ASN B 198 14.71 -5.71 -1.35
C ASN B 198 14.04 -5.74 0.01
N ASN B 199 14.04 -6.85 0.72
CA ASN B 199 13.33 -6.96 2.01
C ASN B 199 14.30 -7.15 3.19
N THR B 200 15.48 -6.51 3.15
CA THR B 200 16.35 -6.47 4.36
C THR B 200 15.59 -5.74 5.46
N ASN B 201 14.82 -4.69 5.08
CA ASN B 201 13.82 -4.11 6.01
C ASN B 201 12.48 -4.75 5.71
N MET B 202 12.00 -5.59 6.63
CA MET B 202 10.77 -6.37 6.37
C MET B 202 9.49 -5.52 6.30
N VAL B 203 9.58 -4.20 6.55
CA VAL B 203 8.38 -3.34 6.37
C VAL B 203 7.87 -3.39 4.92
N VAL B 204 8.75 -3.69 3.95
CA VAL B 204 8.31 -3.72 2.54
C VAL B 204 7.83 -5.12 2.13
N PHE B 205 8.00 -6.11 2.97
CA PHE B 205 7.52 -7.47 2.59
C PHE B 205 6.01 -7.40 2.48
N GLY B 206 5.44 -8.11 1.52
CA GLY B 206 4.00 -8.01 1.23
C GLY B 206 3.64 -6.87 0.32
N THR B 207 4.60 -6.12 -0.18
CA THR B 207 4.37 -4.94 -1.02
C THR B 207 5.21 -5.01 -2.28
N PRO B 208 4.87 -4.18 -3.29
CA PRO B 208 5.68 -4.12 -4.52
C PRO B 208 7.15 -3.73 -4.30
N LEU B 209 7.46 -3.06 -3.20
CA LEU B 209 8.81 -2.62 -2.87
C LEU B 209 9.70 -3.77 -2.44
N ALA B 210 9.13 -4.97 -2.27
CA ALA B 210 9.96 -6.12 -1.86
C ALA B 210 10.84 -6.59 -3.04
N LEU B 211 10.50 -6.23 -4.26
CA LEU B 211 11.21 -6.76 -5.46
C LEU B 211 11.58 -5.57 -6.36
N THR B 212 12.88 -5.41 -6.62
CA THR B 212 13.34 -4.35 -7.53
C THR B 212 13.16 -4.73 -9.00
N ASP B 213 13.32 -3.76 -9.91
CA ASP B 213 13.28 -4.12 -11.36
C ASP B 213 14.44 -5.03 -11.71
N HIS B 214 15.61 -4.88 -11.12
CA HIS B 214 16.78 -5.74 -11.37
C HIS B 214 16.41 -7.17 -10.94
N GLY B 215 15.81 -7.33 -9.77
CA GLY B 215 15.43 -8.67 -9.30
C GLY B 215 14.36 -9.25 -10.17
N ALA B 216 13.40 -8.42 -10.56
CA ALA B 216 12.27 -8.88 -11.36
C ALA B 216 12.78 -9.40 -12.71
N ALA B 217 13.83 -8.80 -13.26
CA ALA B 217 14.35 -9.25 -14.58
C ALA B 217 14.90 -10.67 -14.44
N TRP B 218 15.54 -10.98 -13.33
CA TRP B 218 16.08 -12.34 -13.09
C TRP B 218 14.90 -13.31 -12.93
N VAL B 219 13.87 -12.90 -12.17
CA VAL B 219 12.68 -13.76 -12.02
C VAL B 219 12.07 -14.05 -13.40
N LEU B 220 11.99 -13.04 -14.22
CA LEU B 220 11.35 -13.17 -15.55
C LEU B 220 12.20 -14.11 -16.43
N LYS B 221 13.54 -14.00 -16.36
CA LYS B 221 14.42 -14.94 -17.09
C LYS B 221 14.11 -16.37 -16.66
N TYR B 222 13.91 -16.60 -15.37
CA TYR B 222 13.62 -17.95 -14.87
C TYR B 222 12.26 -18.43 -15.37
N ILE B 223 11.21 -17.62 -15.16
CA ILE B 223 9.84 -18.05 -15.56
C ILE B 223 9.84 -18.32 -17.09
N ARG B 224 10.49 -17.47 -17.87
CA ARG B 224 10.52 -17.73 -19.35
C ARG B 224 11.18 -19.07 -19.60
N ALA B 225 12.29 -19.39 -18.93
CA ALA B 225 12.93 -20.71 -19.10
C ALA B 225 12.01 -21.84 -18.71
N VAL B 226 11.24 -21.72 -17.62
CA VAL B 226 10.33 -22.76 -17.17
C VAL B 226 9.22 -22.92 -18.20
N VAL B 227 8.67 -21.83 -18.68
CA VAL B 227 7.59 -21.92 -19.69
C VAL B 227 8.12 -22.68 -20.92
N GLN B 228 9.29 -22.33 -21.40
CA GLN B 228 9.85 -23.00 -22.61
C GLN B 228 10.02 -24.48 -22.31
N ARG B 229 10.50 -24.86 -21.12
CA ARG B 229 10.71 -26.28 -20.77
CA ARG B 229 10.72 -26.29 -20.77
C ARG B 229 9.37 -27.03 -20.73
N VAL B 230 8.34 -26.46 -20.11
CA VAL B 230 7.02 -27.10 -20.04
C VAL B 230 6.45 -27.24 -21.46
N GLU B 231 6.56 -26.21 -22.26
CA GLU B 231 6.01 -26.26 -23.66
C GLU B 231 6.69 -27.38 -24.44
N SER B 232 7.98 -27.60 -24.20
CA SER B 232 8.80 -28.62 -24.95
C SER B 232 8.35 -30.02 -24.55
N VAL B 233 7.69 -30.22 -23.43
CA VAL B 233 7.36 -31.55 -22.88
C VAL B 233 5.87 -31.72 -22.98
N ASN B 234 5.07 -30.76 -22.51
CA ASN B 234 3.62 -30.93 -22.49
C ASN B 234 2.99 -29.56 -22.29
N PRO B 235 2.64 -28.85 -23.38
CA PRO B 235 2.12 -27.49 -23.23
C PRO B 235 0.79 -27.40 -22.52
N ASN B 236 0.08 -28.49 -22.25
CA ASN B 236 -1.20 -28.50 -21.55
C ASN B 236 -0.98 -28.31 -20.03
N ILE B 237 0.23 -28.52 -19.53
CA ILE B 237 0.49 -28.27 -18.06
C ILE B 237 0.56 -26.76 -17.81
N PRO B 238 -0.36 -26.21 -16.99
CA PRO B 238 -0.30 -24.77 -16.73
C PRO B 238 0.86 -24.40 -15.81
N VAL B 239 1.39 -23.22 -16.04
CA VAL B 239 2.44 -22.61 -15.17
C VAL B 239 1.76 -21.56 -14.30
N MET B 240 1.87 -21.69 -12.99
CA MET B 240 1.34 -20.72 -12.01
C MET B 240 2.53 -19.83 -11.58
N PHE B 241 2.43 -18.54 -11.88
CA PHE B 241 3.50 -17.57 -11.58
C PHE B 241 3.11 -16.77 -10.36
N GLN B 242 3.90 -16.95 -9.30
CA GLN B 242 3.78 -16.13 -8.07
C GLN B 242 4.75 -14.97 -8.23
N GLY B 243 4.23 -13.83 -8.72
CA GLY B 243 5.03 -12.66 -9.08
C GLY B 243 5.36 -11.77 -7.87
N SER B 244 5.81 -12.36 -6.78
CA SER B 244 6.08 -11.61 -5.53
C SER B 244 4.82 -10.85 -5.15
N PHE B 245 4.97 -9.62 -4.70
CA PHE B 245 3.84 -8.82 -4.25
C PHE B 245 3.60 -7.68 -5.23
N LYS B 246 4.13 -7.79 -6.43
CA LYS B 246 3.77 -6.89 -7.53
C LYS B 246 2.33 -7.14 -7.93
N TYR B 247 1.62 -6.14 -8.37
CA TYR B 247 0.27 -6.41 -8.92
C TYR B 247 0.44 -7.20 -10.21
N PRO B 248 -0.51 -8.08 -10.54
CA PRO B 248 -0.37 -8.87 -11.76
C PRO B 248 -0.19 -7.99 -12.98
N GLN B 249 -0.79 -6.80 -12.93
CA GLN B 249 -0.70 -5.79 -14.01
C GLN B 249 0.78 -5.51 -14.36
N TYR B 250 1.67 -5.60 -13.37
CA TYR B 250 3.11 -5.30 -13.56
C TYR B 250 3.76 -6.31 -14.52
N TRP B 251 3.30 -7.56 -14.50
CA TRP B 251 3.93 -8.65 -15.30
C TRP B 251 3.17 -8.92 -16.61
N GLU B 252 1.95 -8.41 -16.74
CA GLU B 252 1.08 -8.73 -17.91
C GLU B 252 1.79 -8.54 -19.26
N GLY B 253 2.50 -7.43 -19.44
CA GLY B 253 3.14 -7.16 -20.75
C GLY B 253 4.36 -8.00 -21.05
N ASP B 254 4.72 -8.91 -20.14
CA ASP B 254 5.96 -9.71 -20.33
C ASP B 254 5.62 -11.03 -21.01
N PHE B 255 4.35 -11.35 -21.14
CA PHE B 255 3.93 -12.64 -21.69
C PHE B 255 2.86 -12.44 -22.75
N PRO B 256 2.92 -13.16 -23.87
CA PRO B 256 1.80 -13.15 -24.80
C PRO B 256 0.58 -13.85 -24.19
N ALA B 257 -0.63 -13.42 -24.56
CA ALA B 257 -1.88 -13.96 -24.02
C ALA B 257 -1.98 -15.45 -24.26
N SER B 258 -1.28 -15.94 -25.30
CA SER B 258 -1.29 -17.39 -25.66
C SER B 258 -0.54 -18.26 -24.64
N THR B 259 0.20 -17.67 -23.70
CA THR B 259 0.95 -18.47 -22.71
C THR B 259 -0.05 -19.14 -21.79
N ASN B 260 0.17 -20.41 -21.48
CA ASN B 260 -0.69 -21.15 -20.55
C ASN B 260 -0.28 -20.83 -19.10
N LEU B 261 -0.76 -19.68 -18.65
CA LEU B 261 -0.23 -18.96 -17.47
C LEU B 261 -1.39 -18.57 -16.59
N VAL B 262 -1.19 -18.68 -15.28
CA VAL B 262 -2.12 -18.20 -14.25
C VAL B 262 -1.26 -17.51 -13.20
N PHE B 263 -1.70 -16.38 -12.67
CA PHE B 263 -0.99 -15.68 -11.57
C PHE B 263 -1.49 -16.19 -10.22
N ASP B 264 -0.56 -16.34 -9.27
CA ASP B 264 -0.84 -16.68 -7.88
C ASP B 264 -0.62 -15.45 -7.01
N THR B 265 -1.67 -14.87 -6.49
CA THR B 265 -1.55 -13.72 -5.59
C THR B 265 -1.71 -14.19 -4.15
N HIS B 266 -0.93 -13.54 -3.24
CA HIS B 266 -0.99 -13.83 -1.80
C HIS B 266 -1.50 -12.59 -1.07
N HIS B 267 -2.54 -12.74 -0.26
CA HIS B 267 -3.15 -11.59 0.44
C HIS B 267 -3.30 -11.89 1.93
N TYR B 268 -2.59 -11.12 2.73
CA TYR B 268 -2.61 -11.22 4.20
C TYR B 268 -2.90 -9.86 4.84
N TYR B 269 -3.28 -9.89 6.10
CA TYR B 269 -3.77 -8.71 6.79
C TYR B 269 -3.22 -8.59 8.19
N TYR B 270 -2.33 -9.46 8.60
CA TYR B 270 -1.96 -9.60 10.04
C TYR B 270 -0.90 -8.59 10.47
N GLU B 271 -0.27 -7.84 9.58
CA GLU B 271 0.65 -6.76 10.02
C GLU B 271 0.56 -5.62 9.03
N HIS B 272 1.06 -4.46 9.50
CA HIS B 272 1.42 -3.32 8.63
C HIS B 272 0.19 -2.60 8.02
N MET B 273 -0.98 -2.69 8.67
CA MET B 273 -2.19 -2.00 8.20
C MET B 273 -3.19 -1.91 9.36
N ASP B 274 -4.17 -1.04 9.19
CA ASP B 274 -5.18 -0.79 10.24
C ASP B 274 -6.37 -1.74 10.04
N SER B 275 -6.08 -3.01 9.77
CA SER B 275 -7.14 -4.03 9.66
C SER B 275 -7.58 -4.48 11.07
N SER B 276 -8.83 -4.89 11.09
CA SER B 276 -9.48 -5.48 12.26
C SER B 276 -10.36 -6.62 11.78
N SER B 277 -10.87 -7.45 12.68
CA SER B 277 -11.89 -8.44 12.25
C SER B 277 -13.15 -7.74 11.71
N GLU B 278 -13.53 -6.61 12.33
CA GLU B 278 -14.71 -5.87 11.89
C GLU B 278 -14.60 -5.38 10.46
N ASN B 279 -13.45 -4.82 10.10
CA ASN B 279 -13.30 -4.20 8.78
C ASN B 279 -12.63 -5.09 7.74
N LEU B 280 -12.35 -6.32 8.11
CA LEU B 280 -11.55 -7.19 7.22
C LEU B 280 -12.18 -7.31 5.85
N PRO B 281 -13.53 -7.47 5.71
CA PRO B 281 -14.08 -7.56 4.36
C PRO B 281 -13.78 -6.39 3.43
N GLU B 282 -13.59 -5.21 4.00
CA GLU B 282 -13.18 -3.99 3.21
C GLU B 282 -11.78 -4.16 2.67
N TYR B 283 -10.85 -4.71 3.45
CA TYR B 283 -9.46 -4.93 3.00
C TYR B 283 -9.41 -6.06 1.98
N ILE B 284 -10.22 -7.11 2.16
CA ILE B 284 -10.30 -8.21 1.18
C ILE B 284 -10.86 -7.69 -0.15
N LEU B 285 -11.94 -6.90 -0.09
CA LEU B 285 -12.52 -6.29 -1.34
C LEU B 285 -11.47 -5.41 -2.03
N ALA B 286 -10.74 -4.59 -1.28
CA ALA B 286 -9.71 -3.73 -1.85
C ALA B 286 -8.69 -4.55 -2.61
N ASP B 287 -8.18 -5.63 -1.99
CA ASP B 287 -7.20 -6.46 -2.67
C ASP B 287 -7.78 -7.10 -3.94
N ALA B 288 -9.00 -7.63 -3.83
CA ALA B 288 -9.60 -8.32 -5.00
C ALA B 288 -9.83 -7.32 -6.14
N ARG B 289 -10.29 -6.13 -5.81
CA ARG B 289 -10.69 -5.18 -6.84
C ARG B 289 -9.48 -4.52 -7.49
N GLU B 290 -8.36 -4.37 -6.77
CA GLU B 290 -7.18 -3.61 -7.22
C GLU B 290 -6.01 -4.52 -7.64
N LYS B 291 -5.98 -5.79 -7.22
CA LYS B 291 -4.76 -6.62 -7.34
C LYS B 291 -5.09 -7.94 -8.04
N SER B 292 -5.92 -7.90 -9.09
CA SER B 292 -6.37 -9.09 -9.86
C SER B 292 -6.08 -8.90 -11.36
N GLY B 293 -5.22 -7.98 -11.72
CA GLY B 293 -4.84 -7.77 -13.12
C GLY B 293 -5.95 -7.12 -13.92
N THR B 294 -5.72 -7.06 -15.23
CA THR B 294 -6.68 -6.43 -16.16
C THR B 294 -7.58 -7.46 -16.80
N GLY B 295 -7.33 -8.75 -16.59
CA GLY B 295 -8.06 -9.83 -17.25
C GLY B 295 -7.23 -10.45 -18.34
N LYS B 296 -6.01 -10.01 -18.59
CA LYS B 296 -5.16 -10.60 -19.65
C LYS B 296 -4.92 -12.06 -19.34
N PHE B 297 -4.58 -12.37 -18.08
CA PHE B 297 -4.42 -13.72 -17.57
C PHE B 297 -5.29 -13.92 -16.36
N PRO B 298 -5.70 -15.17 -16.07
CA PRO B 298 -6.43 -15.51 -14.85
C PRO B 298 -5.53 -15.38 -13.61
N VAL B 299 -6.20 -15.24 -12.48
CA VAL B 299 -5.59 -15.07 -11.14
C VAL B 299 -6.23 -16.05 -10.18
N PHE B 300 -5.40 -16.65 -9.34
CA PHE B 300 -5.82 -17.52 -8.23
C PHE B 300 -5.14 -16.98 -6.97
N VAL B 301 -5.92 -16.84 -5.89
CA VAL B 301 -5.38 -16.34 -4.60
C VAL B 301 -4.83 -17.54 -3.85
N GLY B 302 -3.60 -17.88 -4.12
CA GLY B 302 -3.02 -19.12 -3.60
C GLY B 302 -2.70 -19.13 -2.15
N GLU B 303 -2.64 -17.98 -1.48
CA GLU B 303 -2.52 -17.93 -0.03
C GLU B 303 -3.28 -16.72 0.46
N TRP B 304 -3.98 -16.91 1.59
CA TRP B 304 -4.62 -15.84 2.38
C TRP B 304 -4.98 -16.40 3.75
N ALA B 305 -5.30 -15.52 4.68
CA ALA B 305 -5.82 -15.94 6.00
C ALA B 305 -6.54 -14.75 6.60
N ILE B 306 -7.35 -14.98 7.64
CA ILE B 306 -8.22 -13.88 8.18
C ILE B 306 -7.62 -13.17 9.39
N GLN B 307 -6.42 -13.49 9.85
CA GLN B 307 -5.87 -12.77 11.03
C GLN B 307 -5.66 -11.30 10.64
N ALA B 308 -6.19 -10.40 11.45
CA ALA B 308 -6.05 -8.94 11.24
C ALA B 308 -4.91 -8.41 12.10
N THR B 309 -4.51 -7.15 11.87
CA THR B 309 -3.39 -6.57 12.62
C THR B 309 -3.86 -6.19 14.06
N TYR B 310 -5.06 -5.69 14.15
CA TYR B 310 -5.69 -5.24 15.42
C TYR B 310 -6.99 -5.98 15.67
N ASN B 311 -7.35 -6.05 16.94
CA ASN B 311 -8.74 -6.34 17.33
C ASN B 311 -9.28 -7.56 16.58
N ASN B 312 -8.54 -8.70 16.69
CA ASN B 312 -9.10 -9.98 16.21
C ASN B 312 -10.28 -10.38 17.09
N THR B 313 -11.36 -10.84 16.48
CA THR B 313 -12.46 -11.40 17.24
C THR B 313 -12.84 -12.76 16.72
N LEU B 314 -13.12 -13.63 17.67
CA LEU B 314 -13.45 -15.02 17.33
C LEU B 314 -14.81 -15.12 16.67
N ALA B 315 -15.80 -14.28 17.07
CA ALA B 315 -17.19 -14.43 16.58
C ALA B 315 -17.32 -14.01 15.11
N LEU B 316 -16.37 -13.24 14.56
CA LEU B 316 -16.44 -12.83 13.14
C LEU B 316 -15.65 -13.78 12.23
N ARG B 317 -15.09 -14.89 12.73
CA ARG B 317 -14.26 -15.76 11.87
C ARG B 317 -15.11 -16.32 10.73
N LYS B 318 -16.28 -16.89 11.04
CA LYS B 318 -17.11 -17.48 9.95
C LYS B 318 -17.45 -16.42 8.90
N ARG B 319 -17.94 -15.26 9.33
CA ARG B 319 -18.29 -14.16 8.41
C ARG B 319 -17.08 -13.80 7.53
N ASN B 320 -15.91 -13.66 8.15
CA ASN B 320 -14.66 -13.28 7.44
C ASN B 320 -14.21 -14.35 6.45
N VAL B 321 -14.20 -15.62 6.86
CA VAL B 321 -13.83 -16.69 5.89
C VAL B 321 -14.78 -16.72 4.71
N LEU B 322 -16.09 -16.66 4.96
CA LEU B 322 -17.07 -16.76 3.87
C LEU B 322 -17.04 -15.51 2.99
N ALA B 323 -16.83 -14.35 3.56
CA ALA B 323 -16.68 -13.11 2.77
C ALA B 323 -15.43 -13.19 1.87
N GLY B 324 -14.31 -13.69 2.39
CA GLY B 324 -13.12 -13.87 1.56
C GLY B 324 -13.34 -14.85 0.43
N LEU B 325 -13.88 -16.02 0.72
CA LEU B 325 -14.11 -17.02 -0.33
C LEU B 325 -14.98 -16.41 -1.44
N GLU B 326 -16.07 -15.76 -1.10
CA GLU B 326 -16.99 -15.20 -2.09
C GLU B 326 -16.30 -14.08 -2.88
N THR B 327 -15.46 -13.29 -2.23
CA THR B 327 -14.75 -12.20 -2.93
C THR B 327 -13.74 -12.77 -3.94
N TRP B 328 -12.88 -13.69 -3.50
CA TRP B 328 -11.86 -14.23 -4.41
C TRP B 328 -12.52 -14.92 -5.62
N SER B 329 -13.64 -15.61 -5.41
CA SER B 329 -14.39 -16.34 -6.47
C SER B 329 -15.04 -15.34 -7.41
N SER B 330 -15.32 -14.16 -6.96
CA SER B 330 -16.06 -13.13 -7.74
C SER B 330 -15.11 -12.32 -8.59
N PHE B 331 -13.88 -12.08 -8.15
CA PHE B 331 -12.91 -11.23 -8.85
C PHE B 331 -11.78 -12.01 -9.51
N SER B 332 -11.70 -13.31 -9.21
CA SER B 332 -10.61 -14.19 -9.67
C SER B 332 -11.16 -15.61 -9.77
N GLN B 333 -10.27 -16.59 -9.91
CA GLN B 333 -10.67 -18.01 -10.12
C GLN B 333 -10.89 -18.76 -8.83
N GLY B 334 -10.73 -18.16 -7.68
CA GLY B 334 -10.87 -18.83 -6.39
C GLY B 334 -9.62 -18.60 -5.55
N SER B 335 -9.47 -19.41 -4.53
CA SER B 335 -8.44 -19.16 -3.53
C SER B 335 -8.04 -20.44 -2.84
N SER B 336 -6.88 -20.45 -2.15
CA SER B 336 -6.51 -21.57 -1.26
C SER B 336 -6.01 -20.99 0.05
N TYR B 337 -6.62 -21.40 1.14
CA TYR B 337 -6.35 -20.87 2.48
C TYR B 337 -5.04 -21.38 3.08
N TRP B 338 -4.34 -20.53 3.79
CA TRP B 338 -3.16 -20.94 4.58
C TRP B 338 -3.59 -21.10 6.02
N THR B 339 -3.79 -22.34 6.55
CA THR B 339 -3.37 -23.63 5.99
C THR B 339 -4.30 -24.71 6.56
N ALA B 340 -4.16 -25.93 6.03
CA ALA B 340 -5.08 -27.02 6.42
C ALA B 340 -5.02 -27.28 7.93
N LYS B 341 -3.82 -27.43 8.49
CA LYS B 341 -3.60 -27.91 9.87
C LYS B 341 -2.58 -26.96 10.51
N PHE B 342 -2.94 -26.34 11.62
CA PHE B 342 -2.14 -25.29 12.27
C PHE B 342 -2.43 -25.36 13.75
N THR B 343 -1.43 -25.61 14.58
CA THR B 343 -1.61 -25.71 16.06
C THR B 343 -0.77 -24.67 16.78
N GLY B 344 -0.13 -23.73 16.07
CA GLY B 344 0.71 -22.71 16.68
C GLY B 344 -0.03 -21.85 17.68
N ASN B 345 0.60 -21.51 18.78
CA ASN B 345 -0.12 -20.83 19.87
C ASN B 345 0.39 -19.41 20.05
N THR B 346 1.07 -18.81 19.10
CA THR B 346 1.46 -17.37 19.12
C THR B 346 0.23 -16.50 19.32
N SER B 347 0.33 -15.57 20.28
CA SER B 347 -0.80 -14.65 20.56
C SER B 347 -1.08 -13.75 19.36
N VAL B 348 -2.34 -13.39 19.15
CA VAL B 348 -2.73 -12.35 18.16
C VAL B 348 -3.20 -11.11 18.92
N ALA B 349 -3.29 -9.99 18.25
CA ALA B 349 -3.87 -8.77 18.83
C ALA B 349 -5.39 -8.95 18.93
N GLY B 350 -5.91 -8.93 20.14
CA GLY B 350 -7.32 -9.24 20.39
C GLY B 350 -7.54 -10.59 21.00
N GLN B 351 -8.50 -11.35 20.46
CA GLN B 351 -8.97 -12.59 21.10
C GLN B 351 -8.24 -13.80 20.52
N GLY B 352 -7.61 -14.59 21.39
CA GLY B 352 -7.13 -15.94 21.00
C GLY B 352 -5.72 -15.95 20.49
N GLU B 353 -5.40 -17.02 19.80
CA GLU B 353 -4.05 -17.31 19.30
C GLU B 353 -4.13 -17.63 17.80
N GLN B 354 -2.96 -17.81 17.18
CA GLN B 354 -2.94 -17.99 15.72
C GLN B 354 -3.72 -19.24 15.33
N LYS B 355 -3.67 -20.33 16.12
CA LYS B 355 -4.38 -21.57 15.74
C LYS B 355 -5.89 -21.34 15.59
N ASP B 356 -6.42 -20.29 16.20
CA ASP B 356 -7.87 -20.00 16.11
C ASP B 356 -8.23 -19.33 14.78
N TYR B 357 -7.23 -18.83 14.05
CA TYR B 357 -7.47 -18.05 12.83
C TYR B 357 -6.85 -18.71 11.58
N TRP B 358 -5.91 -19.65 11.74
CA TRP B 358 -5.05 -20.19 10.67
C TRP B 358 -5.29 -21.68 10.38
N CYS B 359 -6.19 -22.34 11.07
CA CYS B 359 -6.44 -23.81 10.90
C CYS B 359 -7.75 -24.03 10.12
N TYR B 360 -7.62 -24.39 8.85
CA TYR B 360 -8.84 -24.57 8.01
C TYR B 360 -9.67 -25.75 8.49
N GLU B 361 -9.02 -26.82 8.98
CA GLU B 361 -9.78 -28.00 9.47
C GLU B 361 -10.73 -27.60 10.61
N THR B 362 -10.28 -26.71 11.51
CA THR B 362 -11.14 -26.20 12.60
C THR B 362 -12.40 -25.55 12.00
N PHE B 363 -12.24 -24.74 10.95
CA PHE B 363 -13.43 -24.10 10.35
C PHE B 363 -14.40 -25.17 9.84
N ILE B 364 -13.87 -26.21 9.20
CA ILE B 364 -14.75 -27.31 8.70
C ILE B 364 -15.47 -27.97 9.87
N ASP B 365 -14.73 -28.34 10.87
CA ASP B 365 -15.28 -29.05 12.06
C ASP B 365 -16.32 -28.18 12.77
N GLU B 366 -16.18 -26.86 12.76
CA GLU B 366 -17.15 -25.99 13.44
C GLU B 366 -18.33 -25.65 12.53
N GLY B 367 -18.40 -26.28 11.35
CA GLY B 367 -19.54 -26.15 10.41
C GLY B 367 -19.65 -24.82 9.69
N TYR B 368 -18.53 -24.18 9.35
CA TYR B 368 -18.59 -22.87 8.65
C TYR B 368 -19.12 -23.02 7.22
N PHE B 369 -18.98 -24.20 6.60
CA PHE B 369 -19.37 -24.42 5.19
C PHE B 369 -20.70 -25.20 5.06
N ASN B 370 -21.43 -25.39 6.15
CA ASN B 370 -22.77 -26.07 6.10
C ASN B 370 -23.89 -25.06 5.85
#